data_5JUV
#
_entry.id   5JUV
#
_cell.length_a   58.100
_cell.length_b   106.393
_cell.length_c   83.723
_cell.angle_alpha   90.00
_cell.angle_beta   99.18
_cell.angle_gamma   90.00
#
_symmetry.space_group_name_H-M   'P 1 21 1'
#
loop_
_entity.id
_entity.type
_entity.pdbx_description
1 polymer 'Probable beta-galactosidase A'
2 branched alpha-D-mannopyranose-(1-2)-alpha-D-mannopyranose-(1-2)-alpha-D-mannopyranose-(1-3)-[alpha-D-mannopyranose-(1-3)-alpha-D-mannopyranose-(1-6)]beta-D-mannopyranose-(1-4)-2-acetamido-2-deoxy-beta-D-glucopyranose-(1-4)-2-acetamido-2-deoxy-beta-D-glucopyranose
3 branched alpha-D-mannopyranose-(1-2)-alpha-D-mannopyranose-(1-2)-alpha-D-mannopyranose-(1-3)-[alpha-D-mannopyranose-(1-2)-alpha-D-mannopyranose-(1-6)-[alpha-D-mannopyranose-(1-3)]alpha-D-mannopyranose-(1-6)]beta-D-mannopyranose-(1-4)-2-acetamido-2-deoxy-beta-D-glucopyranose-(1-4)-2-acetamido-2-deoxy-beta-D-glucopyranose
4 branched alpha-D-mannopyranose-(1-2)-alpha-D-mannopyranose-(1-2)-alpha-D-mannopyranose-(1-3)-beta-D-mannopyranose-(1-4)-2-acetamido-2-deoxy-beta-D-glucopyranose-(1-4)-2-acetamido-2-deoxy-beta-D-glucopyranose
5 branched beta-D-galactopyranose-(1-6)-beta-D-galactopyranose
6 non-polymer 2-acetamido-2-deoxy-beta-D-glucopyranose
7 non-polymer 'CHLORIDE ION'
8 non-polymer 'PENTAETHYLENE GLYCOL'
9 water water
#
_entity_poly.entity_id   1
_entity_poly.type   'polypeptide(L)'
_entity_poly.pdbx_seq_one_letter_code
;MKLSSACAIALLAAQAAGASIKHRINGFTLTEHSDPAKRELLQKYVTWDDKSLFINGERIMIFSGEFHPFRLPVKELQLD
IFQKVKALGFNCVSFYVDWALVEGKPGEYRADGIFDLEPFFDAASEAGIYLLARPGPYINAESSGGGFPGWLQRVNGTLR
SSDKAYLDATDNYVSHVAATIAKYQITNGGPIILYQPENEYTSGCCGVEFPDPVYMQYVEDQARNAGVVIPLINNDASAS
GNNAPGTGKGAVDIYGHDSYPLGFDCANPTVWPSGDLPTNFRTLHLEQSPTTPYAIVQFQGGSYDPWGGPGFAACSELLN
NEFERVFYKNDFSFQIAIMNLYMIFGGTNWGNLGYPNGYTSYDYGSAVTESRNITREKYSELKLLGNFAKVSPGYLTASP
GNLTTSGYADTTDLTVTPLLGNSTGSFFVVRHSDYSSEESTSYKLRLPTSAGSVTIPQLGGTLTLNGRDSKIHVTDYNVS
GTNIIYSTAEVFTWKKFADGKVLVLYGGAGEHHELAISTKSNVTVIEGSESGISSKQTSSSVVVGWDVSTTRRIIQVGDL
KILLLDRNSAYNYWVPQLATDGTSPGFSTPEKVASSIIVKAGYLVRTAYLKGSGLYLTADFNATTSVEVIGVPSTAKNLF
INGDKTSHTVDKNGIWSATVDYNAPDISLPSLKDLDWKYVDTLPEIQSSYDDSLWPAADLKQTKNTLRSLTTPTSLYSSD
YGFHTGYLLYRGHFTATGNESTFAIDTQGGSAFGSSVWLNGTYLGSWTGLYANSDYNATYNLPQLQAGKTYVITVVIDNM
GLEENWTVGEDLMKTPRGILNFLLAGRPSSAISWKLTGNLGGEDYEDKVRGPLNEGGLYAERQGFHQPEPPSQNWKSSSP
LEGLSEAGIGFYSASFDLDLPKGWDVPLFLNIGNSTTPSPYRVQVYVNGYQYAKYISNIGPQTSFPVPEGILNYRGTNWL
AVTLWALDSAGGKLESLELSYTTPVLTALGEVESVDQPKYKKRKGAYHHHHHH
;
_entity_poly.pdbx_strand_id   A
#
loop_
_chem_comp.id
_chem_comp.type
_chem_comp.name
_chem_comp.formula
1PE non-polymer 'PENTAETHYLENE GLYCOL' 'C10 H22 O6'
BMA D-saccharide, beta linking beta-D-mannopyranose 'C6 H12 O6'
CL non-polymer 'CHLORIDE ION' 'Cl -1'
GAL D-saccharide, beta linking beta-D-galactopyranose 'C6 H12 O6'
MAN D-saccharide, alpha linking alpha-D-mannopyranose 'C6 H12 O6'
NAG D-saccharide, beta linking 2-acetamido-2-deoxy-beta-D-glucopyranose 'C8 H15 N O6'
#
# COMPACT_ATOMS: atom_id res chain seq x y z
N LEU A 41 30.73 4.88 1.00
CA LEU A 41 31.27 5.23 -0.36
C LEU A 41 31.25 6.75 -0.64
N LEU A 42 30.09 7.40 -0.50
CA LEU A 42 30.00 8.87 -0.64
C LEU A 42 29.70 9.62 0.66
N GLN A 43 29.28 8.90 1.70
CA GLN A 43 29.06 9.49 3.02
C GLN A 43 29.31 8.39 4.04
N LYS A 44 29.31 8.72 5.33
CA LYS A 44 29.69 7.77 6.37
C LYS A 44 28.55 7.38 7.32
N TYR A 45 27.37 7.96 7.12
CA TYR A 45 26.21 7.65 7.96
C TYR A 45 25.64 6.25 7.68
N VAL A 46 25.63 5.85 6.41
CA VAL A 46 25.02 4.59 6.00
C VAL A 46 26.01 3.73 5.24
N THR A 47 26.50 2.69 5.89
CA THR A 47 27.47 1.78 5.28
C THR A 47 26.94 0.36 5.32
N TRP A 48 27.77 -0.59 4.91
CA TRP A 48 27.36 -1.98 4.90
C TRP A 48 28.56 -2.91 4.81
N ASP A 49 28.29 -4.20 5.03
CA ASP A 49 29.25 -5.26 4.67
C ASP A 49 28.45 -6.43 4.11
N ASP A 50 29.01 -7.64 4.13
CA ASP A 50 28.33 -8.79 3.54
C ASP A 50 27.08 -9.22 4.33
N LYS A 51 26.98 -8.81 5.60
CA LYS A 51 25.86 -9.22 6.45
C LYS A 51 24.70 -8.21 6.55
N SER A 52 25.02 -6.93 6.72
CA SER A 52 23.98 -5.96 7.08
C SER A 52 24.41 -4.55 6.82
N LEU A 53 23.43 -3.65 6.82
CA LEU A 53 23.68 -2.24 6.87
C LEU A 53 24.20 -1.85 8.24
N PHE A 54 25.01 -0.79 8.26
CA PHE A 54 25.38 -0.11 9.50
C PHE A 54 24.79 1.28 9.42
N ILE A 55 24.15 1.74 10.50
CA ILE A 55 23.72 3.13 10.58
C ILE A 55 24.40 3.80 11.75
N ASN A 56 25.26 4.78 11.44
CA ASN A 56 26.15 5.40 12.41
C ASN A 56 27.00 4.36 13.16
N GLY A 57 27.65 3.48 12.38
CA GLY A 57 28.55 2.46 12.91
C GLY A 57 27.94 1.24 13.59
N GLU A 58 26.61 1.11 13.57
CA GLU A 58 25.93 0.06 14.33
C GLU A 58 25.03 -0.76 13.41
N ARG A 59 25.12 -2.08 13.48
CA ARG A 59 24.31 -2.95 12.62
C ARG A 59 22.83 -2.76 12.90
N ILE A 60 22.04 -2.79 11.84
CA ILE A 60 20.60 -2.80 11.98
C ILE A 60 20.01 -3.70 10.91
N MET A 61 18.98 -4.45 11.31
CA MET A 61 18.11 -5.18 10.40
C MET A 61 16.98 -4.24 9.93
N ILE A 62 16.96 -3.92 8.66
CA ILE A 62 15.91 -3.09 8.08
C ILE A 62 14.63 -3.90 7.80
N PHE A 63 13.58 -3.63 8.53
CA PHE A 63 12.30 -4.28 8.34
C PHE A 63 11.38 -3.09 7.97
N SER A 64 10.91 -3.10 6.75
CA SER A 64 10.19 -2.04 6.13
C SER A 64 8.84 -2.37 5.55
N GLY A 65 8.05 -1.34 5.33
CA GLY A 65 6.70 -1.46 4.75
C GLY A 65 6.47 -0.42 3.67
N GLU A 66 5.86 -0.85 2.57
CA GLU A 66 5.54 0.05 1.44
C GLU A 66 4.30 0.89 1.72
N PHE A 67 4.45 2.19 1.53
CA PHE A 67 3.39 3.17 1.79
C PHE A 67 3.57 4.27 0.76
N HIS A 68 2.54 4.52 -0.04
CA HIS A 68 2.59 5.53 -1.10
C HIS A 68 1.85 6.82 -0.72
N PRO A 69 2.60 7.94 -0.62
CA PRO A 69 2.04 9.20 -0.12
C PRO A 69 0.89 9.74 -0.98
N PHE A 70 0.95 9.50 -2.28
CA PHE A 70 -0.10 9.91 -3.21
C PHE A 70 -1.41 9.09 -3.08
N ARG A 71 -1.39 7.98 -2.35
CA ARG A 71 -2.60 7.19 -2.12
C ARG A 71 -3.29 7.50 -0.77
N LEU A 72 -2.78 8.50 -0.05
CA LEU A 72 -3.35 8.96 1.23
C LEU A 72 -2.93 10.42 1.46
N PRO A 73 -3.59 11.35 0.77
CA PRO A 73 -3.08 12.72 0.71
C PRO A 73 -3.65 13.62 1.82
N VAL A 74 -3.56 13.15 3.07
CA VAL A 74 -3.95 13.91 4.24
C VAL A 74 -2.82 13.72 5.23
N LYS A 75 -2.12 14.80 5.59
CA LYS A 75 -0.84 14.64 6.29
C LYS A 75 -0.96 14.03 7.69
N GLU A 76 -2.05 14.28 8.39
CA GLU A 76 -2.23 13.73 9.73
C GLU A 76 -2.46 12.21 9.69
N LEU A 77 -3.08 11.72 8.63
CA LEU A 77 -3.28 10.29 8.47
C LEU A 77 -2.02 9.61 7.98
N GLN A 78 -1.14 10.33 7.30
CA GLN A 78 0.17 9.78 6.95
C GLN A 78 0.96 9.45 8.21
N LEU A 79 0.96 10.39 9.16
CA LEU A 79 1.56 10.17 10.47
C LEU A 79 0.97 8.93 11.15
N ASP A 80 -0.34 8.77 11.06
CA ASP A 80 -1.01 7.60 11.64
C ASP A 80 -0.42 6.29 11.11
N ILE A 81 -0.21 6.22 9.80
CA ILE A 81 0.34 5.01 9.20
C ILE A 81 1.73 4.79 9.75
N PHE A 82 2.56 5.83 9.76
CA PHE A 82 3.94 5.70 10.27
C PHE A 82 3.97 5.20 11.71
N GLN A 83 3.04 5.67 12.53
CA GLN A 83 2.99 5.23 13.91
C GLN A 83 2.52 3.77 14.03
N LYS A 84 1.58 3.36 13.19
CA LYS A 84 1.16 1.96 13.18
C LYS A 84 2.28 1.00 12.71
N VAL A 85 3.16 1.50 11.83
CA VAL A 85 4.27 0.69 11.32
C VAL A 85 5.37 0.54 12.37
N LYS A 86 5.68 1.63 13.07
CA LYS A 86 6.62 1.61 14.20
C LYS A 86 6.15 0.64 15.31
N ALA A 87 4.85 0.59 15.55
CA ALA A 87 4.30 -0.34 16.56
C ALA A 87 4.42 -1.83 16.16
N LEU A 88 4.66 -2.09 14.88
CA LEU A 88 5.01 -3.45 14.43
C LEU A 88 6.40 -3.90 14.84
N GLY A 89 7.25 -2.96 15.29
CA GLY A 89 8.67 -3.22 15.49
C GLY A 89 9.50 -2.84 14.29
N PHE A 90 8.84 -2.30 13.24
CA PHE A 90 9.55 -1.87 12.03
C PHE A 90 10.36 -0.60 12.28
N ASN A 91 11.24 -0.32 11.33
CA ASN A 91 12.09 0.86 11.41
C ASN A 91 12.20 1.60 10.08
N CYS A 92 11.47 1.18 9.07
CA CYS A 92 11.58 1.77 7.75
C CYS A 92 10.25 1.75 6.95
N VAL A 93 10.13 2.68 6.02
CA VAL A 93 9.08 2.69 5.02
C VAL A 93 9.69 2.97 3.63
N SER A 94 9.19 2.27 2.62
CA SER A 94 9.58 2.47 1.24
C SER A 94 8.43 3.16 0.54
N PHE A 95 8.74 4.08 -0.37
CA PHE A 95 7.67 4.80 -1.05
C PHE A 95 8.01 5.12 -2.49
N TYR A 96 6.97 5.09 -3.32
CA TYR A 96 7.08 5.55 -4.70
C TYR A 96 6.67 7.04 -4.72
N VAL A 97 7.10 7.75 -5.76
CA VAL A 97 6.56 9.06 -6.11
C VAL A 97 5.95 8.87 -7.51
N ASP A 98 4.76 9.42 -7.72
CA ASP A 98 4.06 9.23 -8.99
C ASP A 98 4.31 10.47 -9.83
N TRP A 99 5.20 10.33 -10.80
CA TRP A 99 5.57 11.43 -11.71
C TRP A 99 4.33 12.03 -12.39
N ALA A 100 3.42 11.17 -12.86
CA ALA A 100 2.18 11.61 -13.55
C ALA A 100 1.37 12.63 -12.76
N LEU A 101 1.47 12.61 -11.44
CA LEU A 101 0.67 13.50 -10.60
C LEU A 101 1.33 14.86 -10.36
N VAL A 102 2.65 14.94 -10.50
CA VAL A 102 3.40 16.14 -10.15
C VAL A 102 4.05 16.84 -11.35
N GLU A 103 3.92 16.31 -12.56
CA GLU A 103 4.30 17.04 -13.77
C GLU A 103 3.29 16.76 -14.88
N GLY A 104 2.02 17.04 -14.56
CA GLY A 104 0.92 16.89 -15.50
C GLY A 104 1.11 17.79 -16.70
N LYS A 105 1.68 18.96 -16.45
CA LYS A 105 1.99 19.90 -17.50
C LYS A 105 3.48 19.80 -17.75
N PRO A 106 3.90 19.43 -18.98
CA PRO A 106 5.33 19.30 -19.23
C PRO A 106 6.09 20.60 -18.97
N GLY A 107 7.15 20.52 -18.16
CA GLY A 107 7.95 21.68 -17.79
C GLY A 107 7.53 22.33 -16.49
N GLU A 108 6.38 21.97 -15.95
CA GLU A 108 5.88 22.53 -14.69
C GLU A 108 5.81 21.49 -13.59
N TYR A 109 6.87 21.34 -12.82
CA TYR A 109 6.88 20.43 -11.67
C TYR A 109 6.09 21.05 -10.52
N ARG A 110 5.06 20.33 -10.06
CA ARG A 110 4.25 20.76 -8.90
C ARG A 110 4.10 19.61 -7.92
N ALA A 111 4.74 19.75 -6.77
CA ALA A 111 4.59 18.79 -5.69
C ALA A 111 4.34 19.59 -4.43
N ASP A 112 3.22 20.31 -4.45
CA ASP A 112 2.81 21.20 -3.36
C ASP A 112 1.47 20.72 -2.78
N GLY A 113 1.11 21.28 -1.63
CA GLY A 113 -0.16 20.98 -0.97
C GLY A 113 -0.32 19.50 -0.66
N ILE A 114 -1.31 18.86 -1.27
CA ILE A 114 -1.58 17.45 -1.00
C ILE A 114 -0.52 16.52 -1.62
N PHE A 115 0.22 17.02 -2.60
CA PHE A 115 1.33 16.28 -3.17
C PHE A 115 2.71 16.61 -2.57
N ASP A 116 2.74 17.42 -1.52
CA ASP A 116 3.98 17.85 -0.90
C ASP A 116 4.62 16.67 -0.14
N LEU A 117 5.84 16.32 -0.52
CA LEU A 117 6.53 15.20 0.13
C LEU A 117 7.10 15.58 1.50
N GLU A 118 7.27 16.88 1.75
CA GLU A 118 7.97 17.32 2.95
C GLU A 118 7.27 16.98 4.27
N PRO A 119 5.95 17.24 4.38
CA PRO A 119 5.16 16.73 5.52
C PRO A 119 5.18 15.20 5.68
N PHE A 120 5.22 14.46 4.58
CA PHE A 120 5.34 12.99 4.61
C PHE A 120 6.66 12.59 5.29
N PHE A 121 7.75 13.26 4.90
CA PHE A 121 9.06 13.00 5.46
C PHE A 121 9.15 13.38 6.94
N ASP A 122 8.68 14.58 7.28
CA ASP A 122 8.63 15.02 8.66
C ASP A 122 7.78 14.09 9.54
N ALA A 123 6.72 13.54 8.98
CA ALA A 123 5.93 12.55 9.70
C ALA A 123 6.70 11.25 9.91
N ALA A 124 7.49 10.85 8.93
CA ALA A 124 8.38 9.70 9.12
C ALA A 124 9.33 10.00 10.28
N SER A 125 10.03 11.12 10.22
CA SER A 125 10.91 11.56 11.32
C SER A 125 10.22 11.57 12.68
N GLU A 126 9.06 12.22 12.76
CA GLU A 126 8.28 12.24 14.02
C GLU A 126 7.95 10.84 14.57
N ALA A 127 7.66 9.89 13.68
CA ALA A 127 7.32 8.53 14.10
C ALA A 127 8.54 7.66 14.44
N GLY A 128 9.74 8.12 14.05
CA GLY A 128 10.97 7.37 14.24
C GLY A 128 11.20 6.35 13.12
N ILE A 129 10.79 6.70 11.90
CA ILE A 129 10.78 5.75 10.80
C ILE A 129 11.72 6.23 9.70
N TYR A 130 12.65 5.37 9.33
CA TYR A 130 13.59 5.65 8.25
C TYR A 130 12.87 5.45 6.92
N LEU A 131 13.45 5.99 5.85
CA LEU A 131 12.83 5.84 4.54
C LEU A 131 13.78 5.33 3.44
N LEU A 132 13.22 4.43 2.63
CA LEU A 132 13.80 4.05 1.33
C LEU A 132 12.99 4.79 0.29
N ALA A 133 13.62 5.76 -0.40
CA ALA A 133 12.96 6.51 -1.46
C ALA A 133 13.08 5.86 -2.84
N ARG A 134 11.98 5.85 -3.60
CA ARG A 134 11.92 5.18 -4.89
C ARG A 134 11.13 6.04 -5.90
N PRO A 135 11.72 7.11 -6.36
CA PRO A 135 10.94 8.04 -7.17
C PRO A 135 10.81 7.72 -8.64
N GLY A 136 11.30 6.58 -9.02
CA GLY A 136 11.24 6.14 -10.35
C GLY A 136 12.30 6.63 -11.32
N PRO A 137 12.01 7.24 -12.47
CA PRO A 137 10.73 7.80 -12.91
C PRO A 137 9.61 6.80 -13.19
N TYR A 138 9.97 5.59 -13.56
CA TYR A 138 9.03 4.55 -13.78
C TYR A 138 8.85 3.84 -12.47
N ILE A 139 7.61 3.60 -12.12
CA ILE A 139 7.32 2.96 -10.86
C ILE A 139 6.40 1.77 -10.90
N ASN A 140 5.72 1.53 -12.03
CA ASN A 140 4.73 0.48 -12.27
C ASN A 140 3.61 0.73 -11.28
N ALA A 141 3.62 -0.01 -10.20
CA ALA A 141 2.79 0.26 -9.06
C ALA A 141 1.30 0.37 -9.23
N GLU A 142 0.69 -0.39 -10.19
CA GLU A 142 -0.70 -0.37 -10.56
C GLU A 142 -1.19 1.08 -10.73
N SER A 143 -0.37 1.98 -11.22
CA SER A 143 -0.73 3.38 -11.41
C SER A 143 -0.82 3.65 -12.90
N SER A 144 -1.68 4.59 -13.28
CA SER A 144 -1.85 4.98 -14.66
C SER A 144 -0.49 5.35 -15.24
N GLY A 145 -0.14 4.70 -16.34
CA GLY A 145 1.10 4.96 -17.05
C GLY A 145 2.28 4.33 -16.36
N GLY A 146 2.00 3.50 -15.34
CA GLY A 146 3.04 3.05 -14.45
C GLY A 146 3.83 4.22 -13.87
N GLY A 147 3.19 5.40 -13.76
CA GLY A 147 3.82 6.60 -13.25
C GLY A 147 4.19 7.65 -14.29
N PHE A 148 4.34 7.23 -15.55
CA PHE A 148 4.62 8.15 -16.64
C PHE A 148 3.39 9.01 -16.96
N PRO A 149 3.58 10.33 -17.12
CA PRO A 149 2.51 11.22 -17.56
C PRO A 149 2.09 10.92 -18.98
N GLY A 150 0.82 11.16 -19.28
CA GLY A 150 0.28 10.87 -20.60
C GLY A 150 1.04 11.48 -21.75
N TRP A 151 1.74 12.58 -21.50
CA TRP A 151 2.54 13.24 -22.54
C TRP A 151 3.72 12.43 -23.09
N LEU A 152 4.14 11.38 -22.37
CA LEU A 152 5.11 10.43 -22.93
C LEU A 152 4.58 9.62 -24.14
N GLN A 153 3.28 9.69 -24.42
CA GLN A 153 2.75 9.15 -25.67
C GLN A 153 3.18 9.98 -26.90
N ARG A 154 3.74 11.15 -26.67
CA ARG A 154 4.22 11.99 -27.77
C ARG A 154 5.75 11.98 -27.92
N VAL A 155 6.42 11.14 -27.13
CA VAL A 155 7.88 11.07 -27.11
C VAL A 155 8.41 10.15 -28.21
N ASN A 156 9.25 10.73 -29.05
CA ASN A 156 9.83 10.02 -30.17
C ASN A 156 11.07 9.28 -29.71
N GLY A 157 10.85 8.09 -29.17
CA GLY A 157 11.93 7.34 -28.55
C GLY A 157 11.40 6.26 -27.64
N THR A 158 12.21 5.23 -27.45
CA THR A 158 11.85 4.11 -26.59
C THR A 158 11.84 4.54 -25.12
N LEU A 159 10.74 4.23 -24.43
CA LEU A 159 10.64 4.51 -23.00
C LEU A 159 11.55 3.55 -22.23
N ARG A 160 12.20 4.09 -21.19
CA ARG A 160 13.15 3.38 -20.32
C ARG A 160 14.41 2.92 -21.08
N SER A 161 14.83 3.75 -22.04
CA SER A 161 16.02 3.47 -22.85
C SER A 161 16.94 4.67 -22.80
N SER A 162 18.08 4.54 -23.47
CA SER A 162 19.03 5.64 -23.59
C SER A 162 18.74 6.58 -24.78
N ASP A 163 17.62 6.40 -25.48
CA ASP A 163 17.21 7.37 -26.51
C ASP A 163 17.04 8.73 -25.85
N LYS A 164 17.63 9.74 -26.46
CA LYS A 164 17.76 11.04 -25.84
C LYS A 164 16.41 11.69 -25.60
N ALA A 165 15.47 11.47 -26.51
CA ALA A 165 14.12 11.99 -26.37
C ALA A 165 13.40 11.51 -25.09
N TYR A 166 13.65 10.25 -24.69
CA TYR A 166 13.13 9.75 -23.42
C TYR A 166 13.87 10.34 -22.22
N LEU A 167 15.20 10.32 -22.26
CA LEU A 167 15.99 10.80 -21.13
C LEU A 167 15.78 12.30 -20.86
N ASP A 168 15.70 13.10 -21.91
CA ASP A 168 15.39 14.53 -21.75
C ASP A 168 14.01 14.77 -21.13
N ALA A 169 13.04 13.94 -21.49
CA ALA A 169 11.69 14.03 -20.90
C ALA A 169 11.68 13.75 -19.40
N THR A 170 12.64 12.97 -18.90
CA THR A 170 12.76 12.72 -17.45
C THR A 170 13.51 13.77 -16.64
N ASP A 171 14.29 14.63 -17.30
CA ASP A 171 15.31 15.44 -16.60
C ASP A 171 14.73 16.41 -15.58
N ASN A 172 13.73 17.18 -15.99
CA ASN A 172 13.12 18.18 -15.11
C ASN A 172 12.48 17.56 -13.87
N TYR A 173 11.81 16.42 -14.04
CA TYR A 173 11.18 15.73 -12.93
C TYR A 173 12.24 15.23 -11.93
N VAL A 174 13.26 14.53 -12.43
CA VAL A 174 14.24 13.92 -11.54
C VAL A 174 15.06 14.96 -10.79
N SER A 175 15.43 16.05 -11.46
CA SER A 175 16.23 17.08 -10.81
C SER A 175 15.47 17.80 -9.68
N HIS A 176 14.14 17.89 -9.80
CA HIS A 176 13.31 18.46 -8.72
C HIS A 176 13.06 17.48 -7.57
N VAL A 177 12.57 16.29 -7.89
CA VAL A 177 12.18 15.35 -6.85
C VAL A 177 13.39 14.81 -6.07
N ALA A 178 14.49 14.59 -6.78
CA ALA A 178 15.72 14.13 -6.16
C ALA A 178 16.35 15.21 -5.28
N ALA A 179 16.17 16.48 -5.63
CA ALA A 179 16.64 17.60 -4.80
C ALA A 179 15.88 17.65 -3.47
N THR A 180 14.56 17.42 -3.52
CA THR A 180 13.75 17.35 -2.29
C THR A 180 14.16 16.15 -1.44
N ILE A 181 14.36 15.00 -2.08
CA ILE A 181 14.84 13.82 -1.39
C ILE A 181 16.22 14.09 -0.75
N ALA A 182 17.07 14.80 -1.48
CA ALA A 182 18.44 15.11 -1.02
C ALA A 182 18.45 15.90 0.28
N LYS A 183 17.56 16.88 0.32
CA LYS A 183 17.38 17.73 1.49
C LYS A 183 17.00 16.97 2.76
N TYR A 184 16.38 15.80 2.61
CA TYR A 184 15.90 15.02 3.74
C TYR A 184 16.66 13.72 3.93
N GLN A 185 17.87 13.63 3.37
CA GLN A 185 18.71 12.48 3.63
C GLN A 185 19.11 12.48 5.08
N ILE A 186 19.56 11.33 5.55
CA ILE A 186 20.12 11.20 6.90
C ILE A 186 21.40 12.02 7.10
N THR A 187 22.12 12.28 6.00
CA THR A 187 23.31 13.13 6.02
C THR A 187 22.96 14.57 6.38
N ASN A 188 21.69 14.94 6.17
CA ASN A 188 21.20 16.27 6.49
C ASN A 188 20.17 16.28 7.63
N GLY A 189 20.28 15.30 8.52
CA GLY A 189 19.39 15.23 9.70
C GLY A 189 18.01 14.67 9.38
N GLY A 190 17.79 14.22 8.13
CA GLY A 190 16.50 13.68 7.71
C GLY A 190 16.36 12.18 7.98
N PRO A 191 15.23 11.59 7.58
CA PRO A 191 15.03 10.16 7.77
C PRO A 191 15.44 9.27 6.58
N ILE A 192 15.81 9.84 5.43
CA ILE A 192 15.98 9.04 4.22
C ILE A 192 17.34 8.38 4.17
N ILE A 193 17.35 7.04 4.11
CA ILE A 193 18.59 6.26 4.23
C ILE A 193 19.03 5.51 2.97
N LEU A 194 18.09 5.19 2.07
CA LEU A 194 18.41 4.51 0.82
C LEU A 194 17.61 5.11 -0.33
N TYR A 195 18.14 4.95 -1.55
CA TYR A 195 17.48 5.49 -2.76
C TYR A 195 17.48 4.43 -3.85
N GLN A 196 16.34 4.24 -4.47
CA GLN A 196 16.16 3.33 -5.56
C GLN A 196 16.05 4.03 -6.89
N PRO A 197 17.00 3.84 -7.78
CA PRO A 197 16.91 4.42 -9.11
C PRO A 197 16.17 3.47 -10.05
N GLU A 198 15.22 3.89 -10.89
CA GLU A 198 14.41 3.01 -11.79
C GLU A 198 13.50 2.02 -11.05
N ASN A 199 12.96 1.05 -11.73
CA ASN A 199 12.12 0.03 -11.11
C ASN A 199 12.06 -1.20 -11.90
N GLU A 200 12.49 -2.29 -11.29
CA GLU A 200 12.52 -3.59 -11.90
C GLU A 200 13.03 -3.64 -13.35
N TYR A 201 14.18 -3.05 -13.60
CA TYR A 201 14.87 -3.04 -14.88
C TYR A 201 15.41 -4.44 -14.97
N THR A 202 14.63 -5.31 -15.59
CA THR A 202 14.83 -6.75 -15.60
C THR A 202 14.58 -7.46 -16.92
N SER A 203 13.59 -7.03 -17.68
CA SER A 203 13.33 -7.66 -18.98
C SER A 203 13.17 -6.63 -20.10
N GLY A 204 13.77 -6.94 -21.25
CA GLY A 204 13.75 -6.09 -22.42
C GLY A 204 13.24 -6.87 -23.61
N CYS A 205 12.94 -6.18 -24.67
CA CYS A 205 12.46 -6.77 -25.88
C CYS A 205 12.58 -5.81 -27.03
N CYS A 206 12.12 -6.24 -28.18
CA CYS A 206 11.99 -5.44 -29.38
C CYS A 206 13.15 -4.67 -29.92
N GLY A 207 14.34 -5.18 -29.77
CA GLY A 207 15.52 -4.50 -30.31
C GLY A 207 16.31 -3.66 -29.32
N VAL A 208 15.91 -3.71 -28.07
CA VAL A 208 16.60 -2.98 -27.03
C VAL A 208 17.76 -3.84 -26.59
N GLU A 209 18.92 -3.26 -26.40
CA GLU A 209 20.07 -4.03 -25.92
C GLU A 209 20.00 -4.14 -24.40
N PHE A 210 19.26 -5.12 -23.94
CA PHE A 210 19.06 -5.31 -22.52
C PHE A 210 20.06 -6.26 -21.91
N PRO A 211 20.67 -5.88 -20.80
CA PRO A 211 20.43 -4.61 -20.13
C PRO A 211 21.37 -3.52 -20.58
N ASP A 212 20.90 -2.29 -20.68
CA ASP A 212 21.72 -1.18 -21.11
C ASP A 212 22.41 -0.45 -19.96
N PRO A 213 23.72 -0.59 -19.85
CA PRO A 213 24.50 0.03 -18.79
C PRO A 213 24.57 1.53 -18.92
N VAL A 214 24.48 2.03 -20.13
CA VAL A 214 24.51 3.48 -20.33
C VAL A 214 23.25 4.09 -19.73
N TYR A 215 22.12 3.41 -19.92
CA TYR A 215 20.84 3.85 -19.38
C TYR A 215 20.88 3.88 -17.85
N MET A 216 21.13 2.73 -17.24
CA MET A 216 21.09 2.68 -15.78
C MET A 216 22.12 3.63 -15.16
N GLN A 217 23.25 3.83 -15.82
CA GLN A 217 24.24 4.79 -15.33
C GLN A 217 23.72 6.23 -15.39
N TYR A 218 23.02 6.59 -16.47
CA TYR A 218 22.42 7.93 -16.60
C TYR A 218 21.35 8.19 -15.53
N VAL A 219 20.53 7.18 -15.25
CA VAL A 219 19.51 7.27 -14.21
C VAL A 219 20.17 7.46 -12.85
N GLU A 220 21.18 6.65 -12.58
CA GLU A 220 21.97 6.76 -11.35
C GLU A 220 22.62 8.15 -11.21
N ASP A 221 23.25 8.64 -12.28
CA ASP A 221 23.89 9.97 -12.28
C ASP A 221 22.91 11.14 -12.05
N GLN A 222 21.67 11.03 -12.56
CA GLN A 222 20.65 12.07 -12.36
C GLN A 222 20.43 12.33 -10.88
N ALA A 223 20.39 11.26 -10.11
CA ALA A 223 20.13 11.33 -8.69
C ALA A 223 21.32 11.94 -7.98
N ARG A 224 22.50 11.45 -8.31
CA ARG A 224 23.75 11.95 -7.73
C ARG A 224 23.93 13.43 -8.02
N ASN A 225 23.66 13.84 -9.27
CA ASN A 225 23.73 15.26 -9.68
C ASN A 225 22.77 16.17 -8.90
N ALA A 226 21.60 15.67 -8.55
CA ALA A 226 20.66 16.40 -7.70
C ALA A 226 21.06 16.42 -6.22
N GLY A 227 22.17 15.76 -5.90
CA GLY A 227 22.73 15.84 -4.55
C GLY A 227 22.49 14.62 -3.67
N VAL A 228 21.99 13.53 -4.25
CA VAL A 228 21.77 12.30 -3.49
C VAL A 228 23.11 11.61 -3.22
N VAL A 229 23.46 11.44 -1.95
CA VAL A 229 24.72 10.82 -1.56
C VAL A 229 24.56 9.45 -0.92
N ILE A 230 23.36 9.15 -0.43
CA ILE A 230 23.07 7.87 0.21
C ILE A 230 23.17 6.70 -0.77
N PRO A 231 23.34 5.47 -0.25
CA PRO A 231 23.53 4.32 -1.14
C PRO A 231 22.36 4.07 -2.11
N LEU A 232 22.68 3.55 -3.29
CA LEU A 232 21.68 3.18 -4.28
C LEU A 232 21.40 1.70 -4.20
N ILE A 233 20.12 1.33 -4.26
CA ILE A 233 19.70 -0.06 -4.17
C ILE A 233 18.69 -0.34 -5.28
N ASN A 234 18.86 -1.45 -5.99
CA ASN A 234 17.93 -1.77 -7.06
C ASN A 234 16.94 -2.84 -6.62
N ASN A 235 15.93 -3.07 -7.46
CA ASN A 235 14.92 -4.09 -7.18
C ASN A 235 14.64 -4.94 -8.42
N ASP A 236 15.59 -5.80 -8.73
CA ASP A 236 15.48 -6.74 -9.85
C ASP A 236 14.20 -7.56 -9.68
N ALA A 237 13.40 -7.64 -10.75
CA ALA A 237 12.08 -8.30 -10.66
C ALA A 237 12.20 -9.76 -10.21
N SER A 238 13.21 -10.46 -10.71
CA SER A 238 13.63 -11.73 -10.14
C SER A 238 15.10 -11.63 -9.75
N ALA A 239 15.56 -12.62 -9.00
CA ALA A 239 16.96 -12.73 -8.63
C ALA A 239 17.78 -13.12 -9.87
N SER A 240 18.08 -12.14 -10.70
CA SER A 240 18.80 -12.38 -11.95
C SER A 240 20.16 -11.70 -12.03
N GLY A 241 20.52 -10.91 -11.02
CA GLY A 241 21.86 -10.32 -10.94
C GLY A 241 22.08 -9.01 -11.66
N ASN A 242 21.01 -8.44 -12.22
CA ASN A 242 21.13 -7.23 -13.03
C ASN A 242 21.61 -6.07 -12.17
N ASN A 243 22.57 -5.31 -12.70
CA ASN A 243 23.12 -4.12 -12.03
C ASN A 243 23.77 -4.32 -10.66
N ALA A 244 24.15 -5.54 -10.34
CA ALA A 244 24.87 -5.85 -9.11
C ALA A 244 26.27 -5.21 -9.09
N PRO A 245 26.84 -5.00 -7.87
CA PRO A 245 28.26 -4.66 -7.74
C PRO A 245 29.15 -5.65 -8.50
N GLY A 246 30.08 -5.13 -9.27
CA GLY A 246 30.96 -5.93 -10.11
C GLY A 246 30.58 -5.96 -11.57
N THR A 247 29.41 -5.40 -11.93
CA THR A 247 28.92 -5.45 -13.32
C THR A 247 29.41 -4.30 -14.20
N GLY A 248 30.19 -3.39 -13.60
CA GLY A 248 30.78 -2.28 -14.34
C GLY A 248 29.81 -1.11 -14.36
N LYS A 249 29.78 -0.40 -15.49
CA LYS A 249 28.91 0.75 -15.65
C LYS A 249 27.45 0.38 -15.34
N GLY A 250 26.75 1.28 -14.65
CA GLY A 250 25.35 1.07 -14.29
C GLY A 250 25.07 0.20 -13.06
N ALA A 251 26.12 -0.21 -12.35
CA ALA A 251 25.97 -1.00 -11.14
C ALA A 251 25.53 -0.10 -9.99
N VAL A 252 24.62 -0.61 -9.18
CA VAL A 252 24.21 0.08 -7.96
C VAL A 252 25.15 -0.32 -6.81
N ASP A 253 24.91 0.23 -5.62
CA ASP A 253 25.74 -0.08 -4.46
C ASP A 253 25.30 -1.35 -3.74
N ILE A 254 23.99 -1.53 -3.61
CA ILE A 254 23.45 -2.73 -2.97
C ILE A 254 22.46 -3.40 -3.91
N TYR A 255 22.72 -4.67 -4.24
CA TYR A 255 21.83 -5.44 -5.11
C TYR A 255 20.61 -5.92 -4.33
N GLY A 256 19.43 -5.53 -4.80
CA GLY A 256 18.16 -6.04 -4.25
C GLY A 256 17.33 -6.70 -5.35
N HIS A 257 16.44 -7.59 -4.95
CA HIS A 257 15.46 -8.18 -5.86
C HIS A 257 14.09 -8.32 -5.18
N ASP A 258 13.09 -8.75 -5.94
CA ASP A 258 11.71 -8.79 -5.46
C ASP A 258 11.16 -10.22 -5.51
N SER A 259 10.02 -10.44 -4.87
CA SER A 259 9.45 -11.78 -4.78
C SER A 259 7.98 -11.75 -4.35
N TYR A 260 7.11 -12.32 -5.18
CA TYR A 260 5.70 -12.50 -4.85
C TYR A 260 5.38 -13.98 -5.07
N PRO A 261 5.81 -14.84 -4.13
CA PRO A 261 5.84 -16.27 -4.38
C PRO A 261 4.46 -16.96 -4.42
N LEU A 262 3.44 -16.35 -3.84
CA LEU A 262 2.12 -16.96 -3.78
C LEU A 262 1.19 -16.44 -4.88
N GLY A 263 1.71 -15.60 -5.77
CA GLY A 263 0.95 -15.15 -6.93
C GLY A 263 -0.08 -14.10 -6.58
N PHE A 264 -0.95 -13.80 -7.55
CA PHE A 264 -1.96 -12.75 -7.41
C PHE A 264 -3.38 -13.27 -7.63
N ASP A 265 -3.58 -14.55 -7.36
CA ASP A 265 -4.87 -15.21 -7.56
C ASP A 265 -5.55 -15.39 -6.22
N CYS A 266 -6.29 -14.37 -5.81
CA CYS A 266 -6.96 -14.36 -4.53
C CYS A 266 -8.27 -15.19 -4.52
N ALA A 267 -8.59 -15.88 -5.63
CA ALA A 267 -9.85 -16.65 -5.75
C ALA A 267 -9.86 -17.94 -4.93
N ASN A 268 -8.69 -18.53 -4.73
CA ASN A 268 -8.56 -19.76 -3.96
C ASN A 268 -7.65 -19.50 -2.76
N PRO A 269 -8.13 -18.75 -1.76
CA PRO A 269 -7.24 -18.25 -0.71
C PRO A 269 -6.62 -19.30 0.22
N THR A 270 -7.15 -20.53 0.23
CA THR A 270 -6.57 -21.60 1.06
C THR A 270 -5.56 -22.46 0.31
N VAL A 271 -5.39 -22.20 -0.98
CA VAL A 271 -4.53 -23.03 -1.82
C VAL A 271 -3.12 -22.48 -1.82
N TRP A 272 -2.17 -23.31 -1.41
CA TRP A 272 -0.74 -23.01 -1.41
C TRP A 272 -0.03 -23.97 -2.38
N PRO A 273 0.08 -23.60 -3.68
CA PRO A 273 0.56 -24.56 -4.67
C PRO A 273 1.94 -25.16 -4.37
N SER A 274 2.14 -26.40 -4.85
CA SER A 274 3.37 -27.15 -4.62
C SER A 274 4.58 -26.34 -5.11
N GLY A 275 5.64 -26.31 -4.33
CA GLY A 275 6.90 -25.69 -4.75
C GLY A 275 7.02 -24.17 -4.77
N ASP A 276 5.98 -23.46 -4.33
CA ASP A 276 5.98 -22.01 -4.42
C ASP A 276 6.77 -21.33 -3.28
N LEU A 277 7.15 -22.05 -2.25
CA LEU A 277 7.99 -21.47 -1.21
C LEU A 277 9.43 -21.45 -1.72
N PRO A 278 10.04 -20.25 -1.85
CA PRO A 278 11.42 -20.23 -2.31
C PRO A 278 12.38 -20.98 -1.38
N THR A 279 13.36 -21.66 -1.97
CA THR A 279 14.41 -22.33 -1.22
C THR A 279 15.84 -21.92 -1.62
N ASN A 280 16.03 -21.34 -2.80
CA ASN A 280 17.38 -21.10 -3.37
C ASN A 280 17.90 -19.67 -3.28
N PHE A 281 17.21 -18.84 -2.49
CA PHE A 281 17.46 -17.40 -2.46
C PHE A 281 18.84 -17.02 -1.91
N ARG A 282 19.30 -17.73 -0.89
CA ARG A 282 20.63 -17.49 -0.37
C ARG A 282 21.69 -17.95 -1.38
N THR A 283 21.50 -19.13 -1.95
CA THR A 283 22.40 -19.63 -2.99
C THR A 283 22.55 -18.58 -4.10
N LEU A 284 21.43 -18.06 -4.62
CA LEU A 284 21.52 -17.06 -5.70
C LEU A 284 22.17 -15.75 -5.23
N HIS A 285 21.91 -15.34 -3.98
CA HIS A 285 22.54 -14.15 -3.41
C HIS A 285 24.09 -14.19 -3.40
N LEU A 286 24.64 -15.32 -2.96
CA LEU A 286 26.09 -15.52 -2.94
C LEU A 286 26.71 -15.60 -4.33
N GLU A 287 25.98 -16.15 -5.30
CA GLU A 287 26.43 -16.10 -6.69
C GLU A 287 26.37 -14.68 -7.27
N GLN A 288 25.36 -13.90 -6.91
CA GLN A 288 25.09 -12.65 -7.60
C GLN A 288 25.63 -11.37 -6.95
N SER A 289 25.72 -11.36 -5.61
CA SER A 289 26.18 -10.16 -4.91
C SER A 289 26.60 -10.48 -3.50
N PRO A 290 27.63 -11.34 -3.35
CA PRO A 290 28.05 -11.82 -2.03
C PRO A 290 28.61 -10.73 -1.09
N THR A 291 28.96 -9.56 -1.63
CA THR A 291 29.59 -8.50 -0.84
C THR A 291 28.61 -7.51 -0.16
N THR A 292 27.33 -7.57 -0.53
CA THR A 292 26.30 -6.67 0.01
C THR A 292 25.24 -7.45 0.81
N PRO A 293 24.54 -6.78 1.74
CA PRO A 293 23.55 -7.51 2.56
C PRO A 293 22.40 -8.10 1.74
N TYR A 294 21.87 -9.24 2.17
CA TYR A 294 20.78 -9.87 1.42
C TYR A 294 19.50 -9.05 1.57
N ALA A 295 18.94 -8.64 0.44
CA ALA A 295 17.87 -7.64 0.37
C ALA A 295 16.73 -8.05 -0.56
N ILE A 296 15.51 -8.09 -0.01
CA ILE A 296 14.33 -8.17 -0.85
C ILE A 296 13.58 -6.86 -0.70
N VAL A 297 13.56 -6.09 -1.79
CA VAL A 297 13.06 -4.73 -1.79
C VAL A 297 11.52 -4.67 -1.95
N GLN A 298 10.95 -5.67 -2.60
CA GLN A 298 9.50 -5.88 -2.57
C GLN A 298 9.21 -7.34 -2.33
N PHE A 299 8.87 -7.68 -1.08
CA PHE A 299 8.36 -9.00 -0.79
C PHE A 299 6.87 -8.91 -0.59
N GLN A 300 6.17 -9.94 -1.06
CA GLN A 300 4.72 -9.99 -1.02
C GLN A 300 4.12 -9.71 0.36
N GLY A 301 3.28 -8.68 0.42
CA GLY A 301 2.48 -8.35 1.61
C GLY A 301 0.99 -8.28 1.32
N GLY A 302 0.59 -8.80 0.16
CA GLY A 302 -0.80 -8.75 -0.29
C GLY A 302 -0.89 -9.01 -1.79
N SER A 303 -1.93 -8.48 -2.42
CA SER A 303 -2.10 -8.65 -3.84
C SER A 303 -2.98 -7.56 -4.40
N TYR A 304 -2.79 -7.25 -5.68
CA TYR A 304 -3.71 -6.40 -6.41
C TYR A 304 -4.96 -7.20 -6.79
N ASP A 305 -6.01 -6.52 -7.24
CA ASP A 305 -7.27 -7.16 -7.61
C ASP A 305 -7.89 -6.42 -8.79
N PRO A 306 -8.20 -7.12 -9.88
CA PRO A 306 -8.73 -6.40 -11.05
C PRO A 306 -10.24 -6.15 -11.00
N TRP A 307 -10.73 -5.33 -11.93
CA TRP A 307 -12.17 -5.22 -12.17
C TRP A 307 -12.77 -6.61 -12.29
N GLY A 308 -13.95 -6.80 -11.70
CA GLY A 308 -14.61 -8.12 -11.74
C GLY A 308 -14.01 -9.20 -10.85
N GLY A 309 -12.92 -8.90 -10.15
CA GLY A 309 -12.21 -9.90 -9.38
C GLY A 309 -12.90 -10.26 -8.07
N PRO A 310 -12.25 -11.12 -7.29
CA PRO A 310 -12.88 -11.69 -6.10
C PRO A 310 -12.97 -10.73 -4.90
N GLY A 311 -12.18 -9.66 -4.89
CA GLY A 311 -12.21 -8.65 -3.84
C GLY A 311 -11.00 -8.71 -2.94
N PHE A 312 -10.72 -7.61 -2.25
CA PHE A 312 -9.50 -7.54 -1.46
C PHE A 312 -9.61 -8.31 -0.16
N ALA A 313 -10.82 -8.56 0.34
CA ALA A 313 -10.96 -9.41 1.53
C ALA A 313 -10.38 -10.78 1.24
N ALA A 314 -10.64 -11.31 0.04
CA ALA A 314 -10.04 -12.57 -0.41
C ALA A 314 -8.50 -12.50 -0.48
N CYS A 315 -7.97 -11.38 -0.96
CA CYS A 315 -6.52 -11.17 -0.96
C CYS A 315 -5.94 -11.22 0.46
N SER A 316 -6.62 -10.59 1.41
CA SER A 316 -6.17 -10.64 2.81
C SER A 316 -6.19 -12.06 3.39
N GLU A 317 -7.12 -12.89 2.92
CA GLU A 317 -7.21 -14.30 3.33
C GLU A 317 -6.07 -15.16 2.76
N LEU A 318 -5.67 -14.89 1.52
CA LEU A 318 -4.54 -15.62 0.91
C LEU A 318 -3.23 -15.19 1.59
N LEU A 319 -3.02 -13.89 1.75
CA LEU A 319 -1.81 -13.40 2.39
C LEU A 319 -2.05 -13.10 3.88
N ASN A 320 -2.57 -14.10 4.59
CA ASN A 320 -2.98 -13.93 5.96
C ASN A 320 -1.84 -14.21 6.96
N ASN A 321 -2.18 -14.37 8.24
CA ASN A 321 -1.15 -14.61 9.25
C ASN A 321 -0.34 -15.89 9.02
N GLU A 322 -0.99 -16.91 8.49
CA GLU A 322 -0.32 -18.18 8.24
C GLU A 322 0.76 -18.02 7.17
N PHE A 323 0.42 -17.33 6.09
CA PHE A 323 1.36 -16.95 5.04
C PHE A 323 2.55 -16.18 5.59
N GLU A 324 2.30 -15.19 6.45
CA GLU A 324 3.38 -14.38 7.02
C GLU A 324 4.38 -15.21 7.83
N ARG A 325 3.90 -15.99 8.77
CA ARG A 325 4.80 -16.72 9.66
C ARG A 325 5.58 -17.84 8.93
N VAL A 326 4.98 -18.44 7.90
CA VAL A 326 5.69 -19.41 7.07
C VAL A 326 6.68 -18.78 6.10
N PHE A 327 6.22 -17.81 5.30
CA PHE A 327 7.07 -17.21 4.25
C PHE A 327 8.05 -16.15 4.77
N TYR A 328 7.70 -15.40 5.81
CA TYR A 328 8.59 -14.33 6.27
C TYR A 328 9.70 -14.91 7.11
N LYS A 329 9.39 -15.92 7.91
CA LYS A 329 10.46 -16.61 8.62
C LYS A 329 11.35 -17.39 7.66
N ASN A 330 10.80 -17.81 6.52
CA ASN A 330 11.60 -18.45 5.47
C ASN A 330 12.62 -17.48 4.90
N ASP A 331 12.31 -16.19 4.87
CA ASP A 331 13.26 -15.19 4.38
C ASP A 331 14.36 -14.95 5.41
N PHE A 332 13.99 -15.06 6.67
CA PHE A 332 14.94 -15.02 7.79
C PHE A 332 15.88 -16.23 7.76
N SER A 333 15.40 -17.33 7.21
CA SER A 333 16.23 -18.52 6.97
C SER A 333 17.40 -18.23 6.02
N PHE A 334 17.27 -17.23 5.14
CA PHE A 334 18.35 -16.82 4.23
C PHE A 334 19.20 -15.66 4.75
N GLN A 335 19.03 -15.32 6.02
CA GLN A 335 19.65 -14.16 6.65
C GLN A 335 19.38 -12.84 5.92
N ILE A 336 18.13 -12.61 5.58
CA ILE A 336 17.71 -11.34 4.98
C ILE A 336 18.00 -10.20 5.96
N ALA A 337 18.61 -9.13 5.44
CA ALA A 337 19.03 -7.98 6.23
C ALA A 337 18.26 -6.70 5.91
N ILE A 338 17.65 -6.66 4.73
CA ILE A 338 16.81 -5.53 4.28
C ILE A 338 15.56 -6.14 3.67
N MET A 339 14.42 -5.92 4.31
CA MET A 339 13.20 -6.58 3.91
C MET A 339 12.07 -5.57 3.87
N ASN A 340 11.42 -5.45 2.72
CA ASN A 340 10.31 -4.50 2.54
C ASN A 340 9.03 -5.19 2.04
N LEU A 341 7.95 -5.04 2.80
CA LEU A 341 6.64 -5.62 2.45
C LEU A 341 5.82 -4.69 1.56
N TYR A 342 5.55 -5.13 0.34
CA TYR A 342 4.70 -4.40 -0.60
C TYR A 342 3.32 -5.07 -0.62
N MET A 343 2.26 -4.46 -0.08
CA MET A 343 2.23 -3.17 0.57
C MET A 343 2.06 -3.43 2.06
N ILE A 344 2.46 -2.47 2.89
CA ILE A 344 2.08 -2.49 4.30
C ILE A 344 0.78 -1.74 4.51
N PHE A 345 0.58 -0.66 3.76
CA PHE A 345 -0.70 0.07 3.71
C PHE A 345 -0.88 0.49 2.24
N GLY A 346 -2.05 0.18 1.68
CA GLY A 346 -2.30 0.38 0.28
C GLY A 346 -3.00 1.67 -0.07
N GLY A 347 -4.05 2.00 0.65
CA GLY A 347 -4.82 3.21 0.38
C GLY A 347 -5.77 3.11 -0.80
N THR A 348 -5.91 4.22 -1.51
CA THR A 348 -6.98 4.41 -2.46
C THR A 348 -6.47 5.02 -3.74
N ASN A 349 -6.95 4.48 -4.87
CA ASN A 349 -6.69 5.01 -6.20
C ASN A 349 -7.69 6.10 -6.49
N TRP A 350 -7.63 7.18 -5.73
CA TRP A 350 -8.54 8.32 -5.93
C TRP A 350 -8.17 9.11 -7.19
N GLY A 351 -9.13 9.88 -7.69
CA GLY A 351 -8.90 10.82 -8.76
C GLY A 351 -8.19 10.21 -9.96
N ASN A 352 -8.64 9.03 -10.36
CA ASN A 352 -8.17 8.32 -11.54
C ASN A 352 -6.67 8.04 -11.58
N LEU A 353 -5.98 7.99 -10.43
CA LEU A 353 -4.52 7.81 -10.46
C LEU A 353 -4.11 6.38 -10.83
N GLY A 354 -5.06 5.45 -10.76
CA GLY A 354 -4.80 4.03 -10.94
C GLY A 354 -4.73 3.56 -12.38
N TYR A 355 -4.12 2.40 -12.58
CA TYR A 355 -3.99 1.81 -13.91
C TYR A 355 -5.30 1.14 -14.35
N PRO A 356 -5.41 0.78 -15.64
CA PRO A 356 -6.72 0.38 -16.17
C PRO A 356 -7.30 -0.92 -15.61
N ASN A 357 -6.45 -1.85 -15.23
CA ASN A 357 -6.90 -3.16 -14.75
C ASN A 357 -7.44 -3.13 -13.34
N GLY A 358 -7.16 -2.08 -12.57
CA GLY A 358 -7.57 -1.98 -11.19
C GLY A 358 -8.66 -0.94 -10.97
N TYR A 359 -9.28 -0.98 -9.79
CA TYR A 359 -10.45 -0.16 -9.51
C TYR A 359 -10.11 0.81 -8.38
N THR A 360 -11.10 1.43 -7.75
CA THR A 360 -10.81 2.53 -6.83
C THR A 360 -10.00 2.08 -5.60
N SER A 361 -10.36 0.95 -5.02
CA SER A 361 -9.65 0.45 -3.86
C SER A 361 -8.24 -0.03 -4.21
N TYR A 362 -7.29 0.25 -3.32
CA TYR A 362 -5.97 -0.39 -3.31
C TYR A 362 -5.70 -0.96 -1.92
N ASP A 363 -6.70 -1.59 -1.33
CA ASP A 363 -6.57 -2.14 0.01
C ASP A 363 -5.42 -3.14 0.03
N TYR A 364 -5.34 -3.95 -1.01
CA TYR A 364 -4.21 -4.85 -1.23
C TYR A 364 -4.16 -6.07 -0.31
N GLY A 365 -5.17 -6.24 0.53
CA GLY A 365 -5.13 -7.24 1.59
C GLY A 365 -3.96 -7.02 2.55
N SER A 366 -3.49 -5.79 2.69
CA SER A 366 -2.32 -5.54 3.51
C SER A 366 -2.62 -5.56 5.01
N ALA A 367 -1.57 -5.56 5.82
CA ALA A 367 -1.69 -5.58 7.29
C ALA A 367 -2.46 -4.39 7.86
N VAL A 368 -2.32 -3.22 7.24
CA VAL A 368 -3.16 -2.06 7.54
C VAL A 368 -4.15 -1.90 6.38
N THR A 369 -5.43 -1.89 6.69
CA THR A 369 -6.47 -1.87 5.66
C THR A 369 -6.60 -0.50 5.01
N GLU A 370 -7.35 -0.44 3.91
CA GLU A 370 -7.57 0.79 3.17
C GLU A 370 -8.11 1.88 4.07
N SER A 371 -9.00 1.51 5.00
CA SER A 371 -9.57 2.45 5.96
C SER A 371 -8.69 2.64 7.20
N ARG A 372 -7.46 2.11 7.15
CA ARG A 372 -6.43 2.33 8.19
C ARG A 372 -6.61 1.54 9.46
N ASN A 373 -7.54 0.58 9.49
CA ASN A 373 -7.67 -0.21 10.70
C ASN A 373 -6.66 -1.34 10.75
N ILE A 374 -6.34 -1.77 11.97
CA ILE A 374 -5.37 -2.83 12.18
C ILE A 374 -6.04 -4.01 12.90
N THR A 375 -7.25 -4.36 12.47
CA THR A 375 -7.95 -5.52 13.03
C THR A 375 -7.46 -6.86 12.48
N ARG A 376 -6.89 -6.89 11.27
CA ARG A 376 -6.58 -8.19 10.65
C ARG A 376 -5.54 -8.93 11.49
N GLU A 377 -5.70 -10.24 11.62
CA GLU A 377 -4.79 -11.03 12.44
C GLU A 377 -3.33 -10.94 11.95
N LYS A 378 -3.17 -10.79 10.64
CA LYS A 378 -1.86 -10.62 10.02
C LYS A 378 -1.06 -9.41 10.56
N TYR A 379 -1.74 -8.35 10.95
CA TYR A 379 -1.06 -7.24 11.63
C TYR A 379 -0.40 -7.73 12.94
N SER A 380 -1.17 -8.41 13.79
CA SER A 380 -0.67 -8.87 15.10
C SER A 380 0.43 -9.92 15.00
N GLU A 381 0.27 -10.86 14.07
CA GLU A 381 1.29 -11.86 13.81
C GLU A 381 2.61 -11.21 13.34
N LEU A 382 2.52 -10.22 12.46
CA LEU A 382 3.71 -9.56 11.91
C LEU A 382 4.43 -8.75 12.97
N LYS A 383 3.67 -8.23 13.93
CA LYS A 383 4.22 -7.48 15.04
C LYS A 383 5.14 -8.37 15.89
N LEU A 384 4.79 -9.65 15.99
CA LEU A 384 5.60 -10.59 16.75
C LEU A 384 6.98 -10.83 16.12
N LEU A 385 7.04 -10.93 14.79
CA LEU A 385 8.32 -11.10 14.11
C LEU A 385 9.15 -9.79 14.04
N GLY A 386 8.50 -8.65 13.84
CA GLY A 386 9.20 -7.37 13.78
C GLY A 386 9.91 -7.07 15.09
N ASN A 387 9.23 -7.40 16.18
CA ASN A 387 9.78 -7.22 17.52
C ASN A 387 10.90 -8.21 17.84
N PHE A 388 10.74 -9.46 17.40
CA PHE A 388 11.84 -10.41 17.45
C PHE A 388 13.12 -9.83 16.86
N ALA A 389 13.04 -9.35 15.63
CA ALA A 389 14.23 -8.88 14.91
C ALA A 389 14.77 -7.57 15.46
N LYS A 390 13.90 -6.74 16.02
CA LYS A 390 14.32 -5.46 16.58
C LYS A 390 15.31 -5.62 17.75
N VAL A 391 15.21 -6.73 18.48
CA VAL A 391 16.05 -6.95 19.68
C VAL A 391 17.09 -8.11 19.57
N SER A 392 17.28 -8.67 18.37
CA SER A 392 18.15 -9.86 18.17
C SER A 392 19.33 -9.60 17.22
N PRO A 393 20.35 -8.85 17.67
CA PRO A 393 21.51 -8.54 16.82
C PRO A 393 22.36 -9.77 16.41
N GLY A 394 22.31 -10.83 17.23
CA GLY A 394 22.99 -12.10 16.90
C GLY A 394 22.54 -12.72 15.59
N TYR A 395 21.33 -12.38 15.15
CA TYR A 395 20.77 -12.88 13.90
C TYR A 395 21.63 -12.39 12.71
N LEU A 396 22.07 -11.14 12.77
CA LEU A 396 22.81 -10.56 11.67
C LEU A 396 24.23 -11.08 11.52
N THR A 397 24.76 -11.67 12.60
CA THR A 397 26.15 -12.08 12.65
C THR A 397 26.35 -13.59 12.54
N ALA A 398 25.27 -14.36 12.58
CA ALA A 398 25.33 -15.81 12.41
C ALA A 398 25.75 -16.22 11.01
N SER A 399 26.18 -17.46 10.88
CA SER A 399 26.56 -18.06 9.60
C SER A 399 25.42 -18.94 9.16
N PRO A 400 24.68 -18.53 8.12
CA PRO A 400 23.57 -19.39 7.67
C PRO A 400 24.08 -20.64 6.93
N GLY A 401 23.49 -21.79 7.22
CA GLY A 401 23.78 -23.03 6.51
C GLY A 401 22.66 -23.38 5.55
N ASN A 402 22.74 -24.56 4.96
CA ASN A 402 21.71 -25.04 4.05
C ASN A 402 20.58 -25.73 4.81
N LEU A 403 19.38 -25.70 4.26
CA LEU A 403 18.24 -26.35 4.89
C LEU A 403 18.46 -27.87 4.97
N THR A 404 17.95 -28.48 6.03
CA THR A 404 18.13 -29.91 6.25
C THR A 404 16.80 -30.59 6.60
N THR A 405 16.62 -31.82 6.13
CA THR A 405 15.51 -32.67 6.56
C THR A 405 15.96 -33.74 7.58
N SER A 406 17.24 -33.71 7.94
CA SER A 406 17.78 -34.56 9.00
C SER A 406 18.97 -33.86 9.64
N GLY A 407 19.41 -34.32 10.79
CA GLY A 407 20.51 -33.67 11.51
C GLY A 407 20.09 -32.80 12.70
N TYR A 408 19.01 -32.01 12.56
CA TYR A 408 18.52 -31.19 13.68
C TYR A 408 17.22 -31.72 14.29
N ALA A 409 16.29 -32.16 13.47
CA ALA A 409 15.05 -32.69 13.91
C ALA A 409 14.89 -34.12 13.50
N ASP A 410 14.19 -34.87 14.33
CA ASP A 410 13.96 -36.29 14.11
C ASP A 410 12.95 -36.79 13.09
N THR A 411 12.55 -35.96 12.14
CA THR A 411 11.65 -36.38 11.08
C THR A 411 11.89 -35.64 9.77
N THR A 412 11.80 -36.35 8.66
CA THR A 412 11.96 -35.72 7.38
C THR A 412 10.72 -34.90 7.07
N ASP A 413 9.70 -34.98 7.90
CA ASP A 413 8.51 -34.20 7.72
C ASP A 413 8.77 -32.74 8.05
N LEU A 414 9.83 -32.47 8.78
CA LEU A 414 10.19 -31.11 9.07
C LEU A 414 11.47 -30.72 8.35
N THR A 415 11.58 -29.46 8.01
CA THR A 415 12.80 -28.89 7.47
C THR A 415 13.33 -27.88 8.48
N VAL A 416 14.64 -27.88 8.69
CA VAL A 416 15.28 -26.99 9.63
C VAL A 416 16.46 -26.34 8.97
N THR A 417 16.44 -25.01 8.91
CA THR A 417 17.57 -24.24 8.41
C THR A 417 18.27 -23.60 9.60
N PRO A 418 19.59 -23.80 9.71
CA PRO A 418 20.33 -23.26 10.83
C PRO A 418 21.13 -22.03 10.45
N LEU A 419 21.27 -21.12 11.40
CA LEU A 419 22.04 -19.91 11.28
C LEU A 419 22.88 -20.04 12.51
N LEU A 420 24.12 -20.43 12.32
CA LEU A 420 25.01 -20.72 13.40
C LEU A 420 25.94 -19.59 13.82
N GLY A 421 25.77 -19.16 15.04
CA GLY A 421 26.65 -18.16 15.61
C GLY A 421 27.57 -18.81 16.62
N ASN A 422 28.59 -18.11 17.07
CA ASN A 422 29.48 -18.75 18.06
C ASN A 422 28.91 -18.49 19.45
N SER A 423 29.54 -17.59 20.12
CA SER A 423 29.01 -17.04 21.32
C SER A 423 27.89 -16.02 21.10
N THR A 424 27.70 -15.54 19.88
CA THR A 424 26.67 -14.60 19.57
C THR A 424 25.27 -15.17 19.47
N GLY A 425 25.11 -16.49 19.47
CA GLY A 425 23.81 -17.11 19.38
C GLY A 425 23.45 -17.75 18.08
N SER A 426 22.63 -18.76 18.11
CA SER A 426 22.21 -19.47 16.93
C SER A 426 20.73 -19.46 16.76
N PHE A 427 20.26 -19.61 15.54
CA PHE A 427 18.84 -19.58 15.23
C PHE A 427 18.50 -20.74 14.31
N PHE A 428 17.37 -21.40 14.57
CA PHE A 428 16.94 -22.54 13.80
C PHE A 428 15.50 -22.34 13.33
N VAL A 429 15.34 -22.24 12.02
CA VAL A 429 14.03 -22.03 11.42
C VAL A 429 13.43 -23.37 11.02
N VAL A 430 12.33 -23.72 11.68
CA VAL A 430 11.62 -25.00 11.50
C VAL A 430 10.30 -24.78 10.77
N ARG A 431 10.04 -25.63 9.78
CA ARG A 431 8.78 -25.61 9.03
C ARG A 431 8.51 -27.02 8.49
N HIS A 432 7.34 -27.22 7.94
CA HIS A 432 7.01 -28.47 7.32
C HIS A 432 7.78 -28.53 6.00
N SER A 433 8.30 -29.68 5.69
CA SER A 433 9.02 -29.93 4.47
C SER A 433 8.12 -29.67 3.27
N ASP A 434 6.89 -30.09 3.34
CA ASP A 434 5.92 -29.74 2.37
C ASP A 434 5.34 -28.52 3.09
N TYR A 435 5.69 -27.32 2.63
CA TYR A 435 5.29 -26.05 3.24
C TYR A 435 3.77 -25.81 3.30
N SER A 436 3.01 -26.47 2.42
CA SER A 436 1.54 -26.34 2.44
C SER A 436 0.87 -27.21 3.50
N SER A 437 1.58 -28.19 4.03
CA SER A 437 0.99 -29.15 4.97
C SER A 437 0.20 -28.50 6.11
N GLU A 438 -0.99 -29.04 6.35
CA GLU A 438 -1.81 -28.65 7.49
C GLU A 438 -1.72 -29.70 8.61
N GLU A 439 -0.84 -30.67 8.46
CA GLU A 439 -0.63 -31.72 9.47
C GLU A 439 -0.03 -31.20 10.76
N SER A 440 -0.41 -31.83 11.86
CA SER A 440 0.21 -31.60 13.14
C SER A 440 1.38 -32.57 13.29
N THR A 441 2.57 -32.07 13.55
CA THR A 441 3.77 -32.91 13.57
C THR A 441 4.50 -32.81 14.90
N SER A 442 4.75 -33.97 15.53
CA SER A 442 5.54 -34.04 16.76
C SER A 442 7.01 -34.20 16.44
N TYR A 443 7.87 -33.59 17.25
CA TYR A 443 9.29 -33.74 17.04
C TYR A 443 10.16 -33.51 18.28
N LYS A 444 11.43 -33.85 18.13
CA LYS A 444 12.45 -33.61 19.12
C LYS A 444 13.62 -32.99 18.38
N LEU A 445 14.46 -32.26 19.06
CA LEU A 445 15.58 -31.62 18.47
C LEU A 445 16.93 -31.91 19.08
N ARG A 446 17.92 -31.73 18.25
CA ARG A 446 19.31 -31.80 18.63
C ARG A 446 19.92 -30.53 18.21
N LEU A 447 20.29 -29.72 19.17
CA LEU A 447 20.80 -28.39 18.87
C LEU A 447 22.13 -28.22 19.57
N PRO A 448 23.12 -27.65 18.86
CA PRO A 448 24.40 -27.39 19.51
C PRO A 448 24.28 -26.18 20.41
N THR A 449 24.85 -26.23 21.60
CA THR A 449 24.92 -25.07 22.49
C THR A 449 26.28 -24.96 23.16
N SER A 450 26.44 -23.89 23.93
CA SER A 450 27.61 -23.70 24.79
C SER A 450 27.72 -24.78 25.86
N ALA A 451 26.57 -25.31 26.30
CA ALA A 451 26.52 -26.34 27.34
C ALA A 451 26.43 -27.77 26.77
N GLY A 452 27.01 -27.99 25.60
CA GLY A 452 26.89 -29.26 24.91
C GLY A 452 25.73 -29.26 23.94
N SER A 453 25.73 -30.25 23.04
CA SER A 453 24.63 -30.44 22.13
C SER A 453 23.54 -31.20 22.89
N VAL A 454 22.32 -30.65 22.90
CA VAL A 454 21.22 -31.15 23.72
C VAL A 454 20.13 -31.79 22.88
N THR A 455 19.61 -32.92 23.35
CA THR A 455 18.39 -33.50 22.80
C THR A 455 17.19 -32.92 23.54
N ILE A 456 16.39 -32.14 22.82
CA ILE A 456 15.31 -31.34 23.41
C ILE A 456 13.98 -31.90 22.90
N PRO A 457 13.01 -32.14 23.82
CA PRO A 457 12.95 -31.75 25.24
C PRO A 457 13.69 -32.69 26.21
N GLN A 458 14.52 -32.12 27.09
CA GLN A 458 15.25 -32.90 28.09
C GLN A 458 14.37 -33.53 29.17
N LEU A 459 13.30 -32.85 29.59
CA LEU A 459 12.50 -33.29 30.74
C LEU A 459 11.27 -34.10 30.37
N GLY A 460 11.25 -34.67 29.16
CA GLY A 460 10.13 -35.50 28.70
C GLY A 460 9.19 -34.76 27.76
N GLY A 461 8.41 -35.53 27.01
CA GLY A 461 7.49 -34.98 26.03
C GLY A 461 8.17 -34.59 24.72
N THR A 462 7.38 -33.96 23.86
CA THR A 462 7.79 -33.61 22.49
C THR A 462 7.32 -32.21 22.10
N LEU A 463 7.98 -31.66 21.09
CA LEU A 463 7.59 -30.37 20.52
C LEU A 463 6.55 -30.66 19.46
N THR A 464 5.78 -29.65 19.09
CA THR A 464 4.76 -29.79 18.07
C THR A 464 4.78 -28.61 17.09
N LEU A 465 4.57 -28.89 15.81
CA LEU A 465 4.37 -27.87 14.80
C LEU A 465 3.00 -28.11 14.20
N ASN A 466 2.06 -27.18 14.41
CA ASN A 466 0.68 -27.34 13.93
C ASN A 466 0.42 -26.62 12.62
N GLY A 467 0.33 -27.40 11.55
CA GLY A 467 -0.08 -26.93 10.25
C GLY A 467 0.85 -25.91 9.62
N ARG A 468 0.25 -24.86 9.07
CA ARG A 468 0.98 -23.83 8.36
C ARG A 468 1.51 -22.83 9.36
N ASP A 469 2.57 -23.24 10.04
CA ASP A 469 3.25 -22.45 11.04
C ASP A 469 4.74 -22.71 10.89
N SER A 470 5.54 -21.76 11.35
CA SER A 470 6.99 -21.87 11.39
C SER A 470 7.48 -21.23 12.70
N LYS A 471 8.53 -21.82 13.28
CA LYS A 471 9.15 -21.32 14.49
C LYS A 471 10.60 -20.91 14.22
N ILE A 472 11.05 -19.91 14.99
CA ILE A 472 12.48 -19.64 15.10
C ILE A 472 12.96 -20.00 16.52
N HIS A 473 13.51 -21.19 16.68
CA HIS A 473 14.14 -21.59 17.95
C HIS A 473 15.50 -20.90 18.03
N VAL A 474 15.91 -20.56 19.26
CA VAL A 474 17.16 -19.87 19.52
C VAL A 474 18.04 -20.69 20.49
N THR A 475 19.36 -20.50 20.39
CA THR A 475 20.31 -21.02 21.36
C THR A 475 21.37 -19.97 21.67
N ASP A 476 21.90 -20.03 22.90
CA ASP A 476 22.85 -19.04 23.40
C ASP A 476 22.38 -17.61 23.10
N TYR A 477 21.12 -17.35 23.38
CA TYR A 477 20.50 -16.07 23.12
C TYR A 477 20.77 -15.12 24.30
N ASN A 478 21.40 -13.99 23.99
CA ASN A 478 21.86 -13.02 24.98
C ASN A 478 20.74 -12.04 25.39
N VAL A 479 20.32 -12.12 26.65
CA VAL A 479 19.46 -11.10 27.24
C VAL A 479 20.33 -10.23 28.15
N SER A 480 21.02 -9.28 27.54
CA SER A 480 21.89 -8.35 28.24
C SER A 480 22.67 -9.01 29.36
N GLY A 481 23.54 -9.96 28.99
CA GLY A 481 24.42 -10.63 29.96
C GLY A 481 23.94 -11.99 30.43
N THR A 482 22.63 -12.17 30.57
CA THR A 482 22.06 -13.47 30.90
C THR A 482 21.90 -14.27 29.62
N ASN A 483 22.46 -15.48 29.63
CA ASN A 483 22.48 -16.35 28.47
C ASN A 483 21.37 -17.39 28.53
N ILE A 484 20.46 -17.34 27.57
CA ILE A 484 19.48 -18.38 27.42
C ILE A 484 20.12 -19.45 26.56
N ILE A 485 20.41 -20.59 27.15
CA ILE A 485 21.04 -21.71 26.46
C ILE A 485 20.21 -22.13 25.29
N TYR A 486 18.93 -22.22 25.52
CA TYR A 486 17.97 -22.50 24.47
C TYR A 486 16.57 -22.21 24.88
N SER A 487 15.75 -21.92 23.89
CA SER A 487 14.33 -21.75 24.04
C SER A 487 13.64 -22.25 22.78
N THR A 488 12.68 -23.13 22.94
CA THR A 488 11.92 -23.64 21.83
C THR A 488 10.80 -22.64 21.54
N ALA A 489 10.21 -22.11 22.58
CA ALA A 489 9.23 -21.02 22.45
C ALA A 489 9.91 -19.79 21.87
N GLU A 490 9.19 -19.08 21.00
CA GLU A 490 9.74 -17.94 20.29
C GLU A 490 9.76 -16.69 21.13
N VAL A 491 10.78 -15.87 20.90
CA VAL A 491 11.01 -14.62 21.60
C VAL A 491 10.16 -13.51 20.97
N PHE A 492 9.39 -12.82 21.80
CA PHE A 492 8.67 -11.62 21.37
C PHE A 492 9.56 -10.40 21.55
N THR A 493 10.04 -10.22 22.78
CA THR A 493 10.97 -9.15 23.12
C THR A 493 11.67 -9.44 24.47
N TRP A 494 12.70 -8.64 24.77
CA TRP A 494 13.32 -8.66 26.08
C TRP A 494 13.84 -7.27 26.36
N LYS A 495 13.88 -6.89 27.65
CA LYS A 495 14.47 -5.61 28.04
C LYS A 495 15.25 -5.74 29.33
N LYS A 496 16.22 -4.83 29.51
CA LYS A 496 16.95 -4.66 30.76
C LYS A 496 16.45 -3.41 31.47
N PHE A 497 15.83 -3.59 32.63
CA PHE A 497 15.36 -2.45 33.43
C PHE A 497 16.31 -2.19 34.59
N ALA A 498 16.11 -1.05 35.25
CA ALA A 498 16.91 -0.68 36.43
C ALA A 498 16.90 -1.80 37.46
N ASP A 499 15.72 -2.38 37.68
CA ASP A 499 15.55 -3.49 38.63
C ASP A 499 15.29 -4.85 37.93
N GLY A 500 16.26 -5.30 37.12
CA GLY A 500 16.18 -6.63 36.51
C GLY A 500 15.70 -6.68 35.07
N LYS A 501 15.82 -7.87 34.47
CA LYS A 501 15.51 -8.08 33.07
C LYS A 501 14.15 -8.74 32.90
N VAL A 502 13.54 -8.53 31.73
CA VAL A 502 12.33 -9.26 31.36
C VAL A 502 12.46 -9.81 29.94
N LEU A 503 11.94 -11.02 29.76
CA LEU A 503 11.93 -11.72 28.51
C LEU A 503 10.51 -12.20 28.29
N VAL A 504 10.04 -12.06 27.05
CA VAL A 504 8.70 -12.51 26.69
C VAL A 504 8.76 -13.58 25.62
N LEU A 505 8.16 -14.73 25.91
CA LEU A 505 8.17 -15.91 25.05
C LEU A 505 6.75 -16.36 24.80
N TYR A 506 6.50 -16.90 23.61
CA TYR A 506 5.19 -17.42 23.28
C TYR A 506 5.25 -18.70 22.48
N GLY A 507 4.17 -19.47 22.60
CA GLY A 507 3.92 -20.61 21.75
C GLY A 507 2.47 -20.63 21.35
N GLY A 508 2.15 -21.44 20.35
CA GLY A 508 0.78 -21.64 19.91
C GLY A 508 0.07 -22.68 20.77
N ALA A 509 -1.26 -22.68 20.69
CA ALA A 509 -2.08 -23.56 21.54
C ALA A 509 -1.74 -25.05 21.36
N GLY A 510 -1.75 -25.77 22.48
CA GLY A 510 -1.55 -27.22 22.47
C GLY A 510 -0.09 -27.65 22.52
N GLU A 511 0.83 -26.68 22.55
CA GLU A 511 2.26 -26.94 22.46
C GLU A 511 2.91 -27.04 23.84
N HIS A 512 3.81 -28.02 23.96
CA HIS A 512 4.75 -28.10 25.09
C HIS A 512 6.10 -27.50 24.67
N HIS A 513 6.67 -26.66 25.54
CA HIS A 513 7.94 -25.97 25.25
C HIS A 513 8.97 -26.11 26.35
N GLU A 514 10.22 -25.79 26.02
CA GLU A 514 11.31 -25.90 26.98
C GLU A 514 12.37 -24.83 26.79
N LEU A 515 12.93 -24.37 27.90
CA LEU A 515 14.07 -23.47 27.87
C LEU A 515 15.11 -23.90 28.91
N ALA A 516 16.28 -23.27 28.82
CA ALA A 516 17.36 -23.50 29.76
C ALA A 516 18.21 -22.24 29.83
N ILE A 517 18.69 -21.95 31.03
CA ILE A 517 19.32 -20.67 31.34
C ILE A 517 20.65 -20.92 32.05
N SER A 518 21.69 -20.15 31.70
CA SER A 518 22.95 -20.22 32.42
C SER A 518 22.84 -19.44 33.74
N THR A 519 22.83 -20.16 34.85
CA THR A 519 22.57 -19.55 36.15
C THR A 519 22.90 -20.52 37.30
N LYS A 520 23.16 -19.95 38.47
CA LYS A 520 23.23 -20.70 39.73
C LYS A 520 21.89 -20.63 40.46
N SER A 521 21.01 -19.73 40.03
CA SER A 521 19.76 -19.50 40.75
C SER A 521 18.69 -20.50 40.37
N ASN A 522 17.72 -20.62 41.26
CA ASN A 522 16.62 -21.54 41.10
C ASN A 522 15.47 -20.88 40.34
N VAL A 523 14.54 -21.70 39.86
CA VAL A 523 13.31 -21.19 39.23
C VAL A 523 12.13 -21.17 40.20
N THR A 524 11.44 -20.04 40.25
CA THR A 524 10.22 -19.91 41.04
C THR A 524 9.12 -19.27 40.18
N VAL A 525 7.92 -19.86 40.24
CA VAL A 525 6.75 -19.34 39.56
C VAL A 525 6.17 -18.19 40.36
N ILE A 526 6.27 -16.97 39.82
CA ILE A 526 5.75 -15.76 40.50
C ILE A 526 4.35 -15.30 40.04
N GLU A 527 3.87 -15.79 38.91
CA GLU A 527 2.48 -15.57 38.52
C GLU A 527 1.92 -16.81 37.86
N GLY A 528 0.73 -17.23 38.30
CA GLY A 528 0.07 -18.43 37.77
C GLY A 528 0.27 -19.64 38.65
N SER A 529 -0.09 -20.81 38.11
CA SER A 529 0.00 -22.08 38.82
C SER A 529 1.29 -22.83 38.44
N GLU A 530 1.80 -23.64 39.37
CA GLU A 530 2.97 -24.50 39.10
C GLU A 530 2.59 -25.74 38.26
N SER A 531 1.35 -26.17 38.37
CA SER A 531 0.82 -27.25 37.54
C SER A 531 1.26 -27.08 36.08
N GLY A 532 1.98 -28.07 35.54
CA GLY A 532 2.51 -28.01 34.16
C GLY A 532 3.87 -27.34 34.02
N ILE A 533 4.37 -26.74 35.09
CA ILE A 533 5.72 -26.20 35.12
C ILE A 533 6.68 -27.24 35.71
N SER A 534 7.39 -27.95 34.85
CA SER A 534 8.41 -28.88 35.32
C SER A 534 9.77 -28.20 35.23
N SER A 535 10.67 -28.56 36.13
CA SER A 535 12.04 -28.03 36.11
C SER A 535 13.08 -28.95 36.72
N LYS A 536 14.34 -28.63 36.43
CA LYS A 536 15.49 -29.38 36.94
C LYS A 536 16.66 -28.41 37.04
N GLN A 537 17.40 -28.49 38.13
CA GLN A 537 18.58 -27.64 38.34
C GLN A 537 19.85 -28.45 38.12
N THR A 538 20.89 -27.81 37.59
CA THR A 538 22.21 -28.40 37.52
C THR A 538 23.17 -27.41 38.18
N SER A 539 24.47 -27.67 38.10
CA SER A 539 25.47 -26.83 38.78
C SER A 539 25.63 -25.48 38.09
N SER A 540 25.37 -25.43 36.78
CA SER A 540 25.52 -24.19 36.01
C SER A 540 24.28 -23.78 35.20
N SER A 541 23.13 -24.40 35.48
CA SER A 541 21.93 -24.08 34.72
C SER A 541 20.63 -24.57 35.36
N VAL A 542 19.53 -24.05 34.84
CA VAL A 542 18.21 -24.55 35.17
C VAL A 542 17.45 -24.83 33.87
N VAL A 543 16.74 -25.94 33.82
CA VAL A 543 15.99 -26.34 32.66
C VAL A 543 14.52 -26.25 33.06
N VAL A 544 13.71 -25.59 32.22
CA VAL A 544 12.29 -25.41 32.52
C VAL A 544 11.41 -25.80 31.34
N GLY A 545 10.39 -26.61 31.63
CA GLY A 545 9.44 -27.06 30.61
C GLY A 545 8.07 -26.54 30.97
N TRP A 546 7.27 -26.21 29.97
CA TRP A 546 5.94 -25.61 30.20
C TRP A 546 5.02 -25.87 29.04
N ASP A 547 3.73 -25.94 29.34
CA ASP A 547 2.71 -26.08 28.31
C ASP A 547 2.03 -24.74 28.09
N VAL A 548 1.74 -24.45 26.83
CA VAL A 548 1.11 -23.19 26.44
C VAL A 548 -0.31 -23.15 26.99
N SER A 549 -0.65 -22.03 27.62
CA SER A 549 -1.95 -21.86 28.21
C SER A 549 -2.49 -20.48 27.86
N THR A 550 -3.81 -20.35 27.85
CA THR A 550 -4.44 -19.03 27.76
C THR A 550 -4.14 -18.19 29.02
N THR A 551 -3.78 -18.84 30.13
CA THR A 551 -3.37 -18.12 31.32
C THR A 551 -1.88 -17.88 31.29
N ARG A 552 -1.48 -16.62 31.50
CA ARG A 552 -0.08 -16.26 31.53
C ARG A 552 0.64 -16.84 32.74
N ARG A 553 1.92 -17.19 32.57
CA ARG A 553 2.78 -17.48 33.70
C ARG A 553 4.00 -16.58 33.68
N ILE A 554 4.46 -16.21 34.87
CA ILE A 554 5.72 -15.51 35.00
C ILE A 554 6.62 -16.34 35.92
N ILE A 555 7.79 -16.69 35.42
CA ILE A 555 8.76 -17.41 36.22
C ILE A 555 9.94 -16.46 36.44
N GLN A 556 10.69 -16.70 37.51
CA GLN A 556 11.82 -15.85 37.85
C GLN A 556 13.06 -16.69 38.12
N VAL A 557 14.17 -16.25 37.52
CA VAL A 557 15.44 -16.95 37.59
C VAL A 557 16.53 -15.91 37.81
N GLY A 558 16.91 -15.73 39.06
CA GLY A 558 17.83 -14.64 39.42
C GLY A 558 17.12 -13.32 39.17
N ASP A 559 17.80 -12.42 38.46
CA ASP A 559 17.24 -11.11 38.12
C ASP A 559 16.51 -11.08 36.74
N LEU A 560 16.06 -12.24 36.26
CA LEU A 560 15.36 -12.35 34.99
C LEU A 560 13.93 -12.85 35.21
N LYS A 561 12.94 -12.06 34.81
CA LYS A 561 11.58 -12.56 34.76
C LYS A 561 11.29 -13.02 33.33
N ILE A 562 10.52 -14.09 33.19
CA ILE A 562 10.14 -14.59 31.88
C ILE A 562 8.64 -14.78 31.82
N LEU A 563 8.02 -14.13 30.87
CA LEU A 563 6.64 -14.28 30.57
C LEU A 563 6.47 -15.44 29.58
N LEU A 564 5.59 -16.36 29.91
CA LEU A 564 5.26 -17.53 29.12
C LEU A 564 3.82 -17.42 28.71
N LEU A 565 3.64 -17.02 27.47
CA LEU A 565 2.35 -16.78 26.87
C LEU A 565 1.93 -17.62 25.72
N ASP A 566 0.66 -17.52 25.39
CA ASP A 566 0.15 -18.14 24.20
C ASP A 566 0.19 -17.06 23.13
N ARG A 567 0.22 -17.45 21.89
CA ARG A 567 0.26 -16.52 20.80
C ARG A 567 -0.83 -15.46 20.80
N ASN A 568 -2.04 -15.82 21.14
CA ASN A 568 -3.14 -14.86 21.15
C ASN A 568 -3.07 -13.80 22.25
N SER A 569 -2.46 -14.12 23.39
CA SER A 569 -2.20 -13.11 24.42
C SER A 569 -1.07 -12.20 23.98
N ALA A 570 -0.01 -12.77 23.43
CA ALA A 570 1.12 -12.02 22.87
C ALA A 570 0.71 -11.00 21.78
N TYR A 571 -0.36 -11.31 21.05
CA TYR A 571 -0.91 -10.38 20.04
C TYR A 571 -1.26 -9.03 20.65
N ASN A 572 -1.58 -9.01 21.95
CA ASN A 572 -1.97 -7.79 22.66
C ASN A 572 -0.82 -7.03 23.31
N TYR A 573 0.42 -7.43 23.06
CA TYR A 573 1.60 -6.77 23.66
C TYR A 573 2.25 -5.78 22.68
N TRP A 574 2.87 -4.76 23.26
CA TRP A 574 3.48 -3.69 22.49
C TRP A 574 4.76 -3.29 23.18
N VAL A 575 5.68 -2.72 22.41
CA VAL A 575 6.98 -2.35 22.94
C VAL A 575 7.35 -0.94 22.49
N PRO A 576 6.64 0.09 23.03
CA PRO A 576 6.96 1.45 22.61
C PRO A 576 8.32 1.89 23.15
N GLN A 577 9.04 2.71 22.37
CA GLN A 577 10.27 3.32 22.84
C GLN A 577 9.92 4.36 23.89
N LEU A 578 10.75 4.47 24.92
CA LEU A 578 10.49 5.40 26.02
C LEU A 578 11.34 6.63 25.84
N ALA A 579 10.71 7.74 25.50
CA ALA A 579 11.40 9.00 25.28
C ALA A 579 11.62 9.73 26.61
N THR A 580 12.83 10.30 26.79
CA THR A 580 13.19 11.09 27.98
C THR A 580 13.49 12.58 27.69
N ASP A 581 13.80 12.90 26.44
CA ASP A 581 14.18 14.26 26.01
C ASP A 581 13.01 15.04 25.40
N GLY A 582 11.94 14.34 25.05
CA GLY A 582 10.76 14.95 24.44
C GLY A 582 9.61 13.96 24.45
N THR A 583 8.74 14.05 23.45
CA THR A 583 7.61 13.14 23.33
C THR A 583 7.70 12.15 22.14
N SER A 584 8.62 12.38 21.20
CA SER A 584 8.79 11.52 20.02
C SER A 584 9.68 10.32 20.36
N PRO A 585 9.43 9.18 19.71
CA PRO A 585 10.21 7.99 20.10
C PRO A 585 11.62 8.00 19.54
N GLY A 586 11.82 8.71 18.43
CA GLY A 586 13.12 8.74 17.76
C GLY A 586 13.26 7.48 16.93
N PHE A 587 14.33 7.42 16.15
CA PHE A 587 14.64 6.25 15.31
C PHE A 587 15.02 5.05 16.17
N SER A 588 15.04 3.87 15.55
CA SER A 588 15.35 2.63 16.25
C SER A 588 16.87 2.42 16.33
N THR A 589 17.51 3.22 17.17
CA THR A 589 18.95 3.11 17.43
C THR A 589 19.12 2.20 18.64
N PRO A 590 20.31 1.60 18.80
CA PRO A 590 20.51 0.67 19.92
C PRO A 590 20.10 1.23 21.27
N GLU A 591 20.54 2.44 21.56
CA GLU A 591 20.24 3.10 22.82
C GLU A 591 18.73 3.27 23.05
N LYS A 592 17.99 3.73 22.04
CA LYS A 592 16.56 3.97 22.16
C LYS A 592 15.76 2.67 22.13
N VAL A 593 16.25 1.67 21.38
CA VAL A 593 15.71 0.31 21.42
C VAL A 593 15.79 -0.25 22.85
N ALA A 594 16.96 -0.12 23.47
CA ALA A 594 17.18 -0.64 24.83
C ALA A 594 16.28 0.06 25.84
N SER A 595 16.17 1.38 25.73
CA SER A 595 15.24 2.16 26.55
C SER A 595 13.80 2.13 26.00
N SER A 596 13.17 0.96 26.06
CA SER A 596 11.78 0.78 25.65
C SER A 596 11.08 0.12 26.82
N ILE A 597 9.75 0.19 26.87
CA ILE A 597 8.97 -0.48 27.91
C ILE A 597 8.02 -1.48 27.28
N ILE A 598 7.46 -2.37 28.09
CA ILE A 598 6.54 -3.42 27.61
C ILE A 598 5.12 -3.15 28.10
N VAL A 599 4.19 -3.01 27.18
CA VAL A 599 2.84 -2.70 27.50
C VAL A 599 1.84 -3.69 26.96
N LYS A 600 0.98 -4.20 27.81
CA LYS A 600 -0.10 -5.04 27.40
C LYS A 600 -1.32 -4.16 27.33
N ALA A 601 -1.99 -4.17 26.21
CA ALA A 601 -3.16 -3.36 26.04
C ALA A 601 -4.16 -3.96 25.07
N GLY A 602 -4.65 -3.15 24.16
CA GLY A 602 -5.60 -3.60 23.20
C GLY A 602 -5.22 -3.35 21.78
N TYR A 603 -6.07 -2.61 21.12
CA TYR A 603 -5.97 -2.27 19.73
C TYR A 603 -4.67 -1.70 19.20
N LEU A 604 -4.14 -0.71 19.91
CA LEU A 604 -2.89 -0.07 19.51
C LEU A 604 -2.22 0.71 20.67
N VAL A 605 -0.89 0.56 20.77
CA VAL A 605 -0.07 1.48 21.57
C VAL A 605 0.90 2.18 20.63
N ARG A 606 0.88 3.51 20.66
CA ARG A 606 1.61 4.35 19.71
C ARG A 606 2.97 4.78 20.27
N THR A 607 2.94 5.48 21.40
CA THR A 607 4.18 6.01 21.99
C THR A 607 4.17 5.93 23.52
N ALA A 608 5.34 6.16 24.09
CA ALA A 608 5.51 6.29 25.52
C ALA A 608 6.55 7.37 25.77
N TYR A 609 6.34 8.19 26.78
CA TYR A 609 7.39 9.08 27.25
C TYR A 609 7.32 9.32 28.75
N LEU A 610 8.47 9.71 29.29
CA LEU A 610 8.64 9.94 30.71
C LEU A 610 8.98 11.40 30.88
N LYS A 611 8.34 12.02 31.86
CA LYS A 611 8.53 13.43 32.15
C LYS A 611 8.22 13.66 33.64
N GLY A 612 9.27 13.98 34.39
CA GLY A 612 9.19 14.06 35.84
C GLY A 612 8.63 12.78 36.44
N SER A 613 7.60 12.93 37.26
CA SER A 613 6.95 11.80 37.92
C SER A 613 5.87 11.13 37.03
N GLY A 614 5.77 11.59 35.79
CA GLY A 614 4.71 11.15 34.89
C GLY A 614 5.19 10.24 33.79
N LEU A 615 4.58 9.05 33.76
CA LEU A 615 4.71 8.13 32.62
C LEU A 615 3.51 8.29 31.70
N TYR A 616 3.77 8.66 30.44
CA TYR A 616 2.70 8.97 29.48
C TYR A 616 2.67 7.92 28.36
N LEU A 617 1.48 7.41 28.07
CA LEU A 617 1.27 6.55 26.93
C LEU A 617 0.31 7.22 25.97
N THR A 618 0.53 7.04 24.66
CA THR A 618 -0.46 7.39 23.66
C THR A 618 -0.88 6.07 23.04
N ALA A 619 -2.18 5.90 22.88
CA ALA A 619 -2.73 4.64 22.43
C ALA A 619 -4.14 4.84 21.88
N ASP A 620 -4.62 3.84 21.14
CA ASP A 620 -5.98 3.81 20.61
C ASP A 620 -6.71 2.57 21.12
N PHE A 621 -8.03 2.65 21.16
CA PHE A 621 -8.83 1.60 21.77
C PHE A 621 -10.12 1.40 20.99
N ASN A 622 -10.40 0.14 20.62
CA ASN A 622 -11.70 -0.22 20.07
C ASN A 622 -12.62 -0.97 21.03
N ALA A 623 -12.31 -0.92 22.32
CA ALA A 623 -13.16 -1.48 23.38
C ALA A 623 -12.54 -1.15 24.72
N THR A 624 -13.28 -1.40 25.79
CA THR A 624 -12.76 -1.14 27.12
C THR A 624 -11.63 -2.11 27.36
N THR A 625 -10.47 -1.57 27.75
CA THR A 625 -9.24 -2.31 27.69
C THR A 625 -8.52 -2.20 29.03
N SER A 626 -7.95 -3.31 29.48
CA SER A 626 -7.08 -3.29 30.64
C SER A 626 -5.66 -3.18 30.11
N VAL A 627 -4.88 -2.32 30.77
CA VAL A 627 -3.55 -1.98 30.34
C VAL A 627 -2.60 -2.43 31.45
N GLU A 628 -1.54 -3.14 31.08
CA GLU A 628 -0.46 -3.42 32.02
C GLU A 628 0.84 -2.85 31.48
N VAL A 629 1.65 -2.30 32.38
CA VAL A 629 2.94 -1.74 32.02
C VAL A 629 4.01 -2.48 32.82
N ILE A 630 4.98 -3.05 32.11
CA ILE A 630 6.11 -3.74 32.71
C ILE A 630 7.37 -2.97 32.33
N GLY A 631 8.16 -2.62 33.34
CA GLY A 631 9.34 -1.77 33.16
C GLY A 631 9.13 -0.30 33.53
N VAL A 632 8.19 -0.05 34.45
CA VAL A 632 7.90 1.32 34.86
C VAL A 632 9.11 1.86 35.60
N PRO A 633 9.68 2.99 35.13
CA PRO A 633 10.88 3.51 35.79
C PRO A 633 10.58 3.92 37.24
N SER A 634 11.55 3.72 38.11
CA SER A 634 11.39 3.96 39.56
C SER A 634 10.98 5.39 39.92
N THR A 635 11.34 6.36 39.07
CA THR A 635 10.95 7.76 39.26
C THR A 635 9.48 8.07 38.89
N ALA A 636 8.75 7.10 38.35
CA ALA A 636 7.37 7.29 37.89
C ALA A 636 6.36 7.05 39.01
N LYS A 637 5.45 8.00 39.19
CA LYS A 637 4.42 7.92 40.23
C LYS A 637 3.00 7.89 39.68
N ASN A 638 2.77 8.49 38.52
CA ASN A 638 1.42 8.52 37.92
C ASN A 638 1.44 8.04 36.48
N LEU A 639 0.29 7.56 36.03
CA LEU A 639 0.13 7.15 34.65
C LEU A 639 -0.82 8.10 33.95
N PHE A 640 -0.39 8.61 32.80
CA PHE A 640 -1.27 9.33 31.87
C PHE A 640 -1.48 8.49 30.62
N ILE A 641 -2.73 8.44 30.16
CA ILE A 641 -3.07 7.80 28.88
C ILE A 641 -3.79 8.82 28.00
N ASN A 642 -3.19 9.12 26.85
CA ASN A 642 -3.66 10.18 25.95
C ASN A 642 -3.87 11.50 26.68
N GLY A 643 -2.91 11.84 27.53
CA GLY A 643 -2.98 13.06 28.34
C GLY A 643 -3.82 13.00 29.61
N ASP A 644 -4.66 11.98 29.77
CA ASP A 644 -5.60 11.93 30.91
C ASP A 644 -5.04 11.10 32.05
N LYS A 645 -4.97 11.69 33.24
CA LYS A 645 -4.46 10.99 34.43
C LYS A 645 -5.38 9.81 34.67
N THR A 646 -4.78 8.64 34.83
CA THR A 646 -5.55 7.41 34.96
C THR A 646 -5.05 6.65 36.17
N SER A 647 -6.00 6.18 36.98
CA SER A 647 -5.71 5.45 38.21
C SER A 647 -5.04 4.14 37.89
N HIS A 648 -4.08 3.75 38.73
CA HIS A 648 -3.40 2.49 38.54
C HIS A 648 -3.15 1.79 39.86
N THR A 649 -3.10 0.45 39.81
CA THR A 649 -2.65 -0.35 40.93
C THR A 649 -1.38 -1.07 40.54
N VAL A 650 -0.54 -1.35 41.53
CA VAL A 650 0.73 -2.05 41.35
C VAL A 650 0.59 -3.40 42.02
N ASP A 651 0.90 -4.48 41.30
CA ASP A 651 0.75 -5.82 41.87
C ASP A 651 2.07 -6.27 42.53
N LYS A 652 2.07 -7.47 43.10
CA LYS A 652 3.25 -7.99 43.82
C LYS A 652 4.53 -8.08 42.97
N ASN A 653 4.39 -8.05 41.64
CA ASN A 653 5.54 -8.11 40.75
C ASN A 653 5.94 -6.76 40.12
N GLY A 654 5.39 -5.66 40.63
CA GLY A 654 5.76 -4.33 40.15
C GLY A 654 5.09 -3.89 38.86
N ILE A 655 4.11 -4.67 38.40
CA ILE A 655 3.39 -4.38 37.16
C ILE A 655 2.24 -3.41 37.46
N TRP A 656 2.24 -2.27 36.78
CA TRP A 656 1.16 -1.32 36.89
C TRP A 656 -0.01 -1.80 36.07
N SER A 657 -1.19 -1.76 36.65
CA SER A 657 -2.44 -2.12 36.00
C SER A 657 -3.42 -0.94 36.01
N ALA A 658 -4.13 -0.76 34.91
CA ALA A 658 -5.11 0.32 34.77
C ALA A 658 -6.16 -0.06 33.75
N THR A 659 -7.24 0.72 33.75
CA THR A 659 -8.37 0.46 32.88
C THR A 659 -8.73 1.71 32.08
N VAL A 660 -8.98 1.50 30.80
CA VAL A 660 -9.33 2.58 29.89
C VAL A 660 -10.73 2.27 29.37
N ASP A 661 -11.67 3.15 29.72
CA ASP A 661 -13.07 2.95 29.40
C ASP A 661 -13.36 3.41 27.97
N TYR A 662 -14.24 2.69 27.30
CA TYR A 662 -14.59 2.94 25.92
C TYR A 662 -16.08 3.22 25.90
N ASN A 663 -16.45 4.43 25.52
CA ASN A 663 -17.86 4.81 25.41
C ASN A 663 -18.06 5.72 24.22
N ALA A 664 -18.32 5.13 23.07
CA ALA A 664 -18.56 5.87 21.86
C ALA A 664 -19.78 6.73 22.06
N PRO A 665 -19.71 8.00 21.61
CA PRO A 665 -20.95 8.76 21.58
C PRO A 665 -21.77 8.38 20.36
N ASP A 666 -22.96 8.96 20.30
CA ASP A 666 -23.85 8.84 19.16
C ASP A 666 -23.06 9.21 17.92
N ILE A 667 -23.00 8.30 16.95
CA ILE A 667 -22.45 8.59 15.63
C ILE A 667 -23.68 8.79 14.76
N SER A 668 -23.97 10.04 14.44
CA SER A 668 -25.14 10.40 13.66
C SER A 668 -24.70 10.70 12.24
N LEU A 669 -25.26 9.97 11.29
CA LEU A 669 -24.93 10.11 9.88
C LEU A 669 -26.20 10.40 9.10
N PRO A 670 -26.18 11.44 8.25
CA PRO A 670 -27.40 11.74 7.51
C PRO A 670 -27.72 10.68 6.46
N SER A 671 -29.01 10.55 6.17
CA SER A 671 -29.49 9.67 5.13
C SER A 671 -29.23 10.34 3.77
N LEU A 672 -28.36 9.74 2.96
CA LEU A 672 -28.00 10.34 1.66
C LEU A 672 -29.19 10.48 0.72
N LYS A 673 -30.11 9.53 0.75
CA LYS A 673 -31.28 9.60 -0.12
C LYS A 673 -32.25 10.74 0.22
N ASP A 674 -32.18 11.32 1.42
CA ASP A 674 -33.10 12.39 1.84
C ASP A 674 -32.51 13.79 1.64
N LEU A 675 -31.29 13.88 1.11
CA LEU A 675 -30.67 15.19 0.90
C LEU A 675 -31.38 15.94 -0.24
N ASP A 676 -31.22 17.26 -0.25
CA ASP A 676 -31.79 18.11 -1.29
C ASP A 676 -31.00 17.98 -2.61
N TRP A 677 -31.16 16.86 -3.30
CA TRP A 677 -30.40 16.61 -4.55
C TRP A 677 -30.83 17.53 -5.69
N LYS A 678 -29.83 18.11 -6.35
CA LYS A 678 -30.05 18.97 -7.50
C LYS A 678 -29.40 18.37 -8.77
N TYR A 679 -30.15 18.36 -9.88
CA TYR A 679 -29.74 17.69 -11.12
C TYR A 679 -29.48 18.68 -12.25
N VAL A 680 -28.46 18.38 -13.05
CA VAL A 680 -28.28 19.03 -14.33
C VAL A 680 -27.80 17.98 -15.34
N ASP A 681 -28.29 18.08 -16.57
CA ASP A 681 -27.90 17.18 -17.66
C ASP A 681 -26.45 17.45 -18.03
N THR A 682 -25.58 16.46 -17.85
CA THR A 682 -24.17 16.64 -18.16
C THR A 682 -23.76 15.96 -19.47
N LEU A 683 -24.73 15.73 -20.34
CA LEU A 683 -24.47 15.46 -21.76
C LEU A 683 -25.31 16.40 -22.64
N PRO A 684 -25.14 17.73 -22.47
CA PRO A 684 -25.87 18.66 -23.33
C PRO A 684 -25.41 18.61 -24.80
N GLU A 685 -24.35 17.87 -25.08
CA GLU A 685 -23.83 17.68 -26.42
C GLU A 685 -24.83 17.02 -27.38
N ILE A 686 -25.75 16.21 -26.86
CA ILE A 686 -26.69 15.49 -27.73
C ILE A 686 -27.99 16.24 -28.05
N GLN A 687 -28.08 17.51 -27.64
CA GLN A 687 -29.16 18.37 -28.09
C GLN A 687 -28.70 19.14 -29.31
N SER A 688 -29.66 19.41 -30.20
CA SER A 688 -29.38 20.12 -31.46
C SER A 688 -28.97 21.59 -31.28
N SER A 689 -29.21 22.17 -30.11
CA SER A 689 -28.76 23.54 -29.86
C SER A 689 -27.26 23.64 -29.53
N TYR A 690 -26.60 22.51 -29.22
CA TYR A 690 -25.22 22.56 -28.74
C TYR A 690 -24.24 23.09 -29.77
N ASP A 691 -23.34 23.96 -29.29
CA ASP A 691 -22.38 24.66 -30.12
C ASP A 691 -20.99 24.26 -29.66
N ASP A 692 -20.35 23.34 -30.40
CA ASP A 692 -19.02 22.88 -30.01
C ASP A 692 -17.86 23.67 -30.63
N SER A 693 -18.13 24.90 -31.08
CA SER A 693 -17.15 25.65 -31.87
C SER A 693 -15.87 25.96 -31.10
N LEU A 694 -15.94 26.01 -29.77
CA LEU A 694 -14.74 26.16 -28.95
C LEU A 694 -13.95 24.84 -28.68
N TRP A 695 -14.45 23.70 -29.14
CA TRP A 695 -13.74 22.42 -28.89
C TRP A 695 -12.45 22.32 -29.70
N PRO A 696 -11.42 21.67 -29.13
CA PRO A 696 -10.24 21.33 -29.93
C PRO A 696 -10.64 20.46 -31.13
N ALA A 697 -10.04 20.71 -32.30
CA ALA A 697 -10.30 19.90 -33.47
C ALA A 697 -9.34 18.74 -33.48
N ALA A 698 -9.82 17.56 -33.82
CA ALA A 698 -8.97 16.41 -33.97
C ALA A 698 -8.47 16.33 -35.40
N ASP A 699 -7.61 17.28 -35.77
CA ASP A 699 -7.19 17.44 -37.17
C ASP A 699 -5.71 17.14 -37.47
N LEU A 700 -5.04 16.41 -36.58
CA LEU A 700 -3.65 16.04 -36.79
C LEU A 700 -3.53 14.89 -37.78
N LYS A 701 -2.79 15.13 -38.86
CA LYS A 701 -2.65 14.15 -39.92
C LYS A 701 -1.59 13.10 -39.59
N GLN A 702 -0.67 13.45 -38.70
CA GLN A 702 0.42 12.57 -38.29
C GLN A 702 0.42 12.48 -36.78
N THR A 703 0.37 11.27 -36.26
CA THR A 703 0.41 11.06 -34.82
C THR A 703 1.84 11.18 -34.30
N LYS A 704 2.01 11.53 -33.03
CA LYS A 704 3.32 11.46 -32.36
C LYS A 704 3.49 10.20 -31.50
N ASN A 705 2.53 9.29 -31.59
CA ASN A 705 2.60 8.01 -30.90
C ASN A 705 3.41 7.07 -31.79
N THR A 706 4.55 6.61 -31.30
CA THR A 706 5.41 5.71 -32.08
C THR A 706 4.98 4.25 -32.05
N LEU A 707 4.06 3.91 -31.15
CA LEU A 707 3.64 2.52 -30.96
C LEU A 707 2.63 2.04 -32.02
N ARG A 708 1.67 2.88 -32.39
CA ARG A 708 0.59 2.45 -33.26
C ARG A 708 0.31 3.54 -34.30
N SER A 709 0.56 3.21 -35.57
CA SER A 709 0.34 4.15 -36.65
C SER A 709 -1.14 4.32 -36.95
N LEU A 710 -1.50 5.47 -37.49
CA LEU A 710 -2.89 5.81 -37.76
C LEU A 710 -3.55 4.88 -38.77
N THR A 711 -4.78 4.47 -38.44
CA THR A 711 -5.67 3.76 -39.35
C THR A 711 -6.93 4.60 -39.63
N THR A 712 -6.86 5.89 -39.30
CA THR A 712 -7.91 6.88 -39.59
C THR A 712 -7.27 8.09 -40.27
N PRO A 713 -8.09 8.96 -40.88
CA PRO A 713 -7.55 10.14 -41.59
C PRO A 713 -6.76 11.12 -40.71
N THR A 714 -7.26 11.34 -39.49
CA THR A 714 -6.55 12.13 -38.49
C THR A 714 -6.39 11.31 -37.22
N SER A 715 -5.47 11.72 -36.37
CA SER A 715 -5.33 11.09 -35.07
C SER A 715 -6.57 11.35 -34.23
N LEU A 716 -7.13 10.28 -33.69
CA LEU A 716 -8.21 10.40 -32.72
C LEU A 716 -7.71 9.84 -31.37
N TYR A 717 -6.39 9.87 -31.18
CA TYR A 717 -5.75 9.46 -29.93
C TYR A 717 -5.79 10.64 -28.97
N SER A 718 -6.46 10.46 -27.82
CA SER A 718 -6.67 11.54 -26.87
C SER A 718 -5.38 12.22 -26.42
N SER A 719 -4.33 11.45 -26.20
CA SER A 719 -3.08 12.00 -25.69
C SER A 719 -2.31 12.82 -26.73
N ASP A 720 -2.54 12.60 -28.03
CA ASP A 720 -1.99 13.53 -29.05
C ASP A 720 -2.44 14.98 -28.84
N TYR A 721 -3.57 15.16 -28.16
CA TYR A 721 -4.14 16.49 -27.92
C TYR A 721 -4.05 16.92 -26.44
N GLY A 722 -3.32 16.17 -25.62
CA GLY A 722 -3.11 16.52 -24.22
C GLY A 722 -4.19 16.06 -23.25
N PHE A 723 -4.99 15.06 -23.62
CA PHE A 723 -6.08 14.55 -22.79
C PHE A 723 -5.80 13.10 -22.33
N HIS A 724 -5.52 12.92 -21.03
CA HIS A 724 -5.00 11.61 -20.55
C HIS A 724 -5.86 10.90 -19.50
N THR A 725 -6.96 11.50 -19.07
CA THR A 725 -7.64 11.01 -17.87
C THR A 725 -9.15 11.25 -17.92
N GLY A 726 -9.91 10.35 -17.28
CA GLY A 726 -11.35 10.50 -17.13
C GLY A 726 -12.11 10.26 -18.41
N TYR A 727 -13.38 10.69 -18.45
CA TYR A 727 -14.24 10.44 -19.61
C TYR A 727 -13.82 11.31 -20.78
N LEU A 728 -13.76 10.72 -21.98
CA LEU A 728 -13.44 11.47 -23.20
C LEU A 728 -14.66 11.57 -24.09
N LEU A 729 -14.86 12.72 -24.73
CA LEU A 729 -15.96 12.91 -25.66
C LEU A 729 -15.42 13.29 -27.01
N TYR A 730 -15.95 12.66 -28.06
CA TYR A 730 -15.61 12.97 -29.43
C TYR A 730 -16.88 13.40 -30.16
N ARG A 731 -16.74 14.35 -31.09
CA ARG A 731 -17.87 14.83 -31.90
C ARG A 731 -17.50 14.85 -33.37
N GLY A 732 -18.23 14.09 -34.19
CA GLY A 732 -17.89 13.92 -35.59
C GLY A 732 -18.94 14.52 -36.51
N HIS A 733 -18.59 15.63 -37.15
CA HIS A 733 -19.52 16.35 -38.03
C HIS A 733 -19.47 15.78 -39.45
N PHE A 734 -20.63 15.58 -40.06
CA PHE A 734 -20.72 15.27 -41.48
C PHE A 734 -22.03 15.79 -42.09
N THR A 735 -21.99 15.94 -43.41
CA THR A 735 -23.14 16.33 -44.18
C THR A 735 -23.64 15.06 -44.81
N ALA A 736 -24.92 14.76 -44.62
CA ALA A 736 -25.48 13.50 -45.07
C ALA A 736 -25.75 13.57 -46.56
N THR A 737 -25.53 12.44 -47.23
CA THR A 737 -25.96 12.23 -48.61
C THR A 737 -27.39 11.66 -48.65
N GLY A 738 -27.81 11.03 -47.56
CA GLY A 738 -29.14 10.37 -47.51
C GLY A 738 -29.09 8.88 -47.82
N ASN A 739 -27.91 8.40 -48.21
CA ASN A 739 -27.70 6.96 -48.40
C ASN A 739 -27.09 6.24 -47.20
N GLU A 740 -26.88 6.93 -46.07
CA GLU A 740 -26.16 6.32 -44.94
C GLU A 740 -26.97 5.22 -44.28
N SER A 741 -26.30 4.08 -44.06
CA SER A 741 -26.91 2.91 -43.45
C SER A 741 -26.31 2.65 -42.06
N THR A 742 -25.01 2.33 -42.02
CA THR A 742 -24.34 1.95 -40.79
C THR A 742 -23.12 2.79 -40.49
N PHE A 743 -22.78 2.84 -39.21
CA PHE A 743 -21.56 3.48 -38.73
C PHE A 743 -20.86 2.53 -37.77
N ALA A 744 -19.67 2.09 -38.17
CA ALA A 744 -18.85 1.17 -37.36
C ALA A 744 -17.79 1.99 -36.63
N ILE A 745 -17.47 1.57 -35.42
CA ILE A 745 -16.47 2.30 -34.66
C ILE A 745 -15.74 1.37 -33.70
N ASP A 746 -14.42 1.58 -33.60
CA ASP A 746 -13.55 0.82 -32.71
C ASP A 746 -13.09 1.78 -31.63
N THR A 747 -13.68 1.65 -30.44
CA THR A 747 -13.30 2.47 -29.28
C THR A 747 -12.31 1.73 -28.39
N GLN A 748 -11.41 2.47 -27.75
CA GLN A 748 -10.40 1.90 -26.86
C GLN A 748 -10.18 2.77 -25.61
N GLY A 749 -10.57 2.23 -24.46
CA GLY A 749 -10.41 2.93 -23.18
C GLY A 749 -9.72 2.12 -22.11
N GLY A 750 -9.24 0.92 -22.45
CA GLY A 750 -8.58 0.05 -21.46
C GLY A 750 -9.52 -0.99 -20.90
N SER A 751 -9.01 -1.88 -20.05
CA SER A 751 -9.82 -3.01 -19.54
C SER A 751 -11.03 -2.52 -18.76
N ALA A 752 -12.19 -3.12 -19.02
CA ALA A 752 -13.47 -2.81 -18.37
C ALA A 752 -14.05 -1.45 -18.77
N PHE A 753 -13.61 -0.91 -19.90
CA PHE A 753 -14.10 0.39 -20.36
C PHE A 753 -15.48 0.20 -21.00
N GLY A 754 -16.22 1.30 -21.08
CA GLY A 754 -17.45 1.34 -21.87
C GLY A 754 -17.52 2.58 -22.76
N SER A 755 -18.43 2.54 -23.74
CA SER A 755 -18.65 3.63 -24.65
C SER A 755 -20.11 3.71 -25.10
N SER A 756 -20.59 4.93 -25.32
CA SER A 756 -21.95 5.15 -25.81
C SER A 756 -21.88 6.08 -27.02
N VAL A 757 -22.82 5.87 -27.96
CA VAL A 757 -22.87 6.65 -29.21
C VAL A 757 -24.25 7.20 -29.55
N TRP A 758 -24.30 8.46 -29.96
CA TRP A 758 -25.53 9.12 -30.39
C TRP A 758 -25.34 9.76 -31.76
N LEU A 759 -26.40 9.76 -32.56
CA LEU A 759 -26.47 10.56 -33.79
C LEU A 759 -27.41 11.73 -33.51
N ASN A 760 -26.88 12.94 -33.48
CA ASN A 760 -27.57 14.08 -32.92
C ASN A 760 -28.16 13.68 -31.55
N GLY A 761 -29.48 13.58 -31.42
CA GLY A 761 -30.11 13.17 -30.16
C GLY A 761 -30.56 11.72 -30.11
N THR A 762 -30.32 10.96 -31.18
CA THR A 762 -30.77 9.58 -31.27
C THR A 762 -29.68 8.65 -30.71
N TYR A 763 -30.02 7.93 -29.64
CA TYR A 763 -29.15 6.95 -29.01
C TYR A 763 -28.96 5.79 -29.97
N LEU A 764 -27.72 5.53 -30.38
CA LEU A 764 -27.40 4.41 -31.28
C LEU A 764 -27.11 3.11 -30.55
N GLY A 765 -26.43 3.22 -29.40
CA GLY A 765 -26.10 2.05 -28.57
C GLY A 765 -24.88 2.28 -27.66
N SER A 766 -24.52 1.24 -26.93
CA SER A 766 -23.36 1.28 -26.05
C SER A 766 -22.61 -0.03 -26.10
N TRP A 767 -21.30 0.05 -25.93
CA TRP A 767 -20.51 -1.08 -25.44
C TRP A 767 -20.52 -0.99 -23.91
N THR A 768 -21.24 -1.91 -23.27
CA THR A 768 -21.43 -1.90 -21.81
C THR A 768 -20.18 -2.35 -21.04
N GLY A 769 -19.29 -3.09 -21.71
CA GLY A 769 -17.95 -3.35 -21.16
C GLY A 769 -17.71 -4.73 -20.56
N LEU A 770 -16.46 -5.18 -20.66
CA LEU A 770 -16.00 -6.40 -19.99
C LEU A 770 -14.56 -6.20 -19.54
N TYR A 771 -14.19 -6.83 -18.44
CA TYR A 771 -12.79 -6.80 -18.02
C TYR A 771 -11.89 -7.31 -19.16
N ALA A 772 -12.34 -8.35 -19.86
CA ALA A 772 -11.58 -8.90 -20.99
C ALA A 772 -11.45 -7.99 -22.24
N ASN A 773 -12.21 -6.90 -22.33
CA ASN A 773 -12.08 -5.98 -23.47
C ASN A 773 -11.42 -4.64 -23.10
N SER A 774 -10.30 -4.34 -23.73
CA SER A 774 -9.73 -2.99 -23.66
C SER A 774 -10.05 -2.17 -24.91
N ASP A 775 -10.52 -2.82 -25.98
CA ASP A 775 -11.15 -2.12 -27.10
C ASP A 775 -12.42 -2.86 -27.52
N TYR A 776 -13.23 -2.25 -28.37
CA TYR A 776 -14.43 -2.93 -28.88
C TYR A 776 -14.89 -2.41 -30.24
N ASN A 777 -15.22 -3.33 -31.13
CA ASN A 777 -15.78 -3.01 -32.46
C ASN A 777 -17.30 -3.06 -32.52
N ALA A 778 -17.94 -1.89 -32.52
CA ALA A 778 -19.37 -1.82 -32.62
C ALA A 778 -19.77 -1.51 -34.05
N THR A 779 -20.98 -1.92 -34.42
CA THR A 779 -21.60 -1.48 -35.67
C THR A 779 -22.99 -0.96 -35.32
N TYR A 780 -23.26 0.27 -35.71
CA TYR A 780 -24.52 0.87 -35.35
C TYR A 780 -25.29 1.13 -36.62
N ASN A 781 -26.60 1.00 -36.52
CA ASN A 781 -27.51 1.21 -37.64
C ASN A 781 -28.16 2.58 -37.50
N LEU A 782 -27.98 3.40 -38.53
CA LEU A 782 -28.39 4.78 -38.46
C LEU A 782 -29.83 4.92 -38.88
N PRO A 783 -30.54 5.90 -38.33
CA PRO A 783 -31.84 6.17 -38.92
C PRO A 783 -31.70 6.72 -40.35
N GLN A 784 -32.85 6.97 -40.95
CA GLN A 784 -32.92 7.57 -42.28
C GLN A 784 -32.47 9.02 -42.18
N LEU A 785 -31.39 9.36 -42.89
CA LEU A 785 -30.85 10.72 -42.81
C LEU A 785 -31.34 11.62 -43.94
N GLN A 786 -31.41 12.92 -43.66
CA GLN A 786 -31.90 13.93 -44.60
C GLN A 786 -30.75 14.44 -45.44
N ALA A 787 -30.82 14.21 -46.76
CA ALA A 787 -29.75 14.64 -47.68
C ALA A 787 -29.41 16.12 -47.58
N GLY A 788 -28.15 16.44 -47.42
CA GLY A 788 -27.70 17.84 -47.38
C GLY A 788 -27.65 18.46 -45.99
N LYS A 789 -28.22 17.77 -45.00
CA LYS A 789 -28.25 18.28 -43.63
C LYS A 789 -27.01 17.80 -42.88
N THR A 790 -26.65 18.54 -41.84
CA THR A 790 -25.47 18.22 -41.05
C THR A 790 -25.86 17.44 -39.81
N TYR A 791 -25.07 16.40 -39.52
CA TYR A 791 -25.26 15.57 -38.35
C TYR A 791 -23.97 15.52 -37.54
N VAL A 792 -24.09 15.12 -36.28
CA VAL A 792 -22.95 15.04 -35.39
C VAL A 792 -23.07 13.77 -34.57
N ILE A 793 -22.08 12.91 -34.71
CA ILE A 793 -21.97 11.70 -33.90
C ILE A 793 -21.26 12.07 -32.59
N THR A 794 -21.95 11.94 -31.47
CA THR A 794 -21.30 12.15 -30.16
C THR A 794 -20.93 10.81 -29.58
N VAL A 795 -19.67 10.68 -29.15
CA VAL A 795 -19.13 9.42 -28.61
C VAL A 795 -18.51 9.68 -27.23
N VAL A 796 -18.94 8.92 -26.22
CA VAL A 796 -18.40 9.05 -24.85
C VAL A 796 -17.67 7.76 -24.48
N ILE A 797 -16.42 7.90 -24.02
CA ILE A 797 -15.55 6.75 -23.75
C ILE A 797 -14.91 6.83 -22.36
N ASP A 798 -15.09 5.77 -21.58
CA ASP A 798 -14.48 5.67 -20.26
C ASP A 798 -12.99 5.35 -20.43
N ASN A 799 -12.12 6.29 -20.07
CA ASN A 799 -10.68 6.03 -20.05
C ASN A 799 -10.36 5.50 -18.66
N MET A 800 -9.91 4.26 -18.60
CA MET A 800 -9.70 3.60 -17.33
C MET A 800 -8.29 3.86 -16.77
N GLY A 801 -7.54 4.75 -17.41
CA GLY A 801 -6.12 4.95 -17.11
C GLY A 801 -5.21 4.44 -18.22
N LEU A 802 -3.97 4.92 -18.21
CA LEU A 802 -2.96 4.48 -19.18
C LEU A 802 -2.27 3.22 -18.68
N GLU A 803 -1.83 2.41 -19.64
CA GLU A 803 -1.22 1.12 -19.35
C GLU A 803 0.17 1.29 -18.71
N GLU A 804 0.62 0.22 -18.06
CA GLU A 804 1.97 0.14 -17.55
C GLU A 804 3.00 -0.09 -18.67
N ASN A 805 4.28 -0.09 -18.31
CA ASN A 805 5.38 -0.26 -19.28
C ASN A 805 6.43 -1.16 -18.68
N TRP A 806 6.00 -2.36 -18.26
CA TRP A 806 6.85 -3.26 -17.49
C TRP A 806 8.06 -3.78 -18.29
N THR A 807 7.85 -4.17 -19.54
CA THR A 807 8.92 -4.68 -20.37
C THR A 807 9.52 -3.54 -21.17
N VAL A 808 10.81 -3.28 -20.95
CA VAL A 808 11.53 -2.21 -21.66
C VAL A 808 11.62 -2.59 -23.12
N GLY A 809 11.37 -1.61 -23.99
CA GLY A 809 11.33 -1.86 -25.42
C GLY A 809 9.91 -1.93 -25.96
N GLU A 810 8.97 -2.46 -25.18
CA GLU A 810 7.62 -2.72 -25.70
C GLU A 810 6.75 -1.45 -25.80
N ASP A 811 7.11 -0.41 -25.03
CA ASP A 811 6.42 0.88 -25.06
C ASP A 811 4.90 0.77 -24.85
N LEU A 812 4.44 -0.19 -24.03
CA LEU A 812 3.01 -0.43 -23.88
C LEU A 812 2.21 0.70 -23.21
N MET A 813 2.90 1.59 -22.52
CA MET A 813 2.29 2.78 -21.93
C MET A 813 1.77 3.75 -22.98
N LYS A 814 2.33 3.66 -24.19
CA LYS A 814 1.82 4.40 -25.34
C LYS A 814 0.50 3.84 -25.91
N THR A 815 -0.01 2.73 -25.39
CA THR A 815 -1.30 2.26 -25.86
C THR A 815 -2.28 3.43 -25.83
N PRO A 816 -2.79 3.84 -27.01
CA PRO A 816 -3.66 4.99 -27.04
C PRO A 816 -5.07 4.75 -26.52
N ARG A 817 -5.79 5.86 -26.38
CA ARG A 817 -7.14 5.90 -25.87
C ARG A 817 -7.93 6.77 -26.84
N GLY A 818 -9.18 6.38 -27.12
CA GLY A 818 -10.07 7.12 -28.01
C GLY A 818 -10.62 6.24 -29.11
N ILE A 819 -10.55 6.73 -30.34
CA ILE A 819 -11.14 6.03 -31.48
C ILE A 819 -10.00 5.57 -32.38
N LEU A 820 -9.97 4.28 -32.66
CA LEU A 820 -8.89 3.67 -33.46
C LEU A 820 -9.27 3.47 -34.93
N ASN A 821 -10.53 3.20 -35.18
CA ASN A 821 -11.05 2.94 -36.54
C ASN A 821 -12.50 3.38 -36.58
N PHE A 822 -12.94 3.80 -37.75
CA PHE A 822 -14.37 3.96 -37.99
C PHE A 822 -14.68 3.82 -39.49
N LEU A 823 -15.93 3.45 -39.79
CA LEU A 823 -16.43 3.31 -41.15
C LEU A 823 -17.84 3.85 -41.20
N LEU A 824 -18.07 4.84 -42.04
CA LEU A 824 -19.41 5.29 -42.36
C LEU A 824 -19.67 4.68 -43.73
N ALA A 825 -20.42 3.58 -43.75
CA ALA A 825 -20.49 2.70 -44.92
C ALA A 825 -20.90 3.45 -46.18
N GLY A 826 -20.18 3.21 -47.29
CA GLY A 826 -20.47 3.88 -48.56
C GLY A 826 -19.78 5.23 -48.72
N ARG A 827 -19.20 5.76 -47.63
CA ARG A 827 -18.56 7.07 -47.63
C ARG A 827 -17.09 6.97 -47.26
N PRO A 828 -16.22 7.74 -47.93
CA PRO A 828 -14.85 7.85 -47.44
C PRO A 828 -14.84 8.41 -46.03
N SER A 829 -13.81 8.04 -45.27
CA SER A 829 -13.72 8.40 -43.86
C SER A 829 -13.47 9.88 -43.62
N SER A 830 -12.91 10.56 -44.62
CA SER A 830 -12.77 12.03 -44.60
C SER A 830 -14.11 12.77 -44.57
N ALA A 831 -15.20 12.05 -44.77
CA ALA A 831 -16.53 12.61 -44.63
C ALA A 831 -16.80 13.18 -43.23
N ILE A 832 -16.18 12.58 -42.22
CA ILE A 832 -16.41 12.99 -40.84
C ILE A 832 -15.25 13.82 -40.32
N SER A 833 -15.55 15.02 -39.83
CA SER A 833 -14.58 15.91 -39.20
C SER A 833 -14.77 15.89 -37.69
N TRP A 834 -13.75 15.50 -36.95
CA TRP A 834 -13.87 15.25 -35.51
C TRP A 834 -13.37 16.38 -34.61
N LYS A 835 -14.04 16.56 -33.48
CA LYS A 835 -13.52 17.37 -32.38
C LYS A 835 -13.54 16.45 -31.17
N LEU A 836 -12.73 16.77 -30.16
CA LEU A 836 -12.72 15.98 -28.95
C LEU A 836 -12.45 16.86 -27.75
N THR A 837 -12.82 16.35 -26.58
CA THR A 837 -12.38 16.92 -25.34
C THR A 837 -12.16 15.88 -24.25
N GLY A 838 -11.22 16.23 -23.39
CA GLY A 838 -10.95 15.53 -22.15
C GLY A 838 -11.18 16.57 -21.08
N ASN A 839 -10.50 16.42 -19.95
CA ASN A 839 -10.52 17.42 -18.89
C ASN A 839 -10.18 18.74 -19.49
N LEU A 840 -10.78 19.82 -18.97
CA LEU A 840 -10.66 21.14 -19.58
C LEU A 840 -9.25 21.74 -19.51
N GLY A 841 -8.71 22.13 -20.68
CA GLY A 841 -7.35 22.64 -20.80
C GLY A 841 -6.32 21.56 -21.10
N GLY A 842 -6.72 20.30 -21.00
CA GLY A 842 -5.81 19.18 -21.17
C GLY A 842 -4.63 19.28 -20.24
N GLU A 843 -3.43 19.38 -20.83
CA GLU A 843 -2.21 19.49 -20.03
C GLU A 843 -2.13 20.82 -19.28
N ASP A 844 -2.85 21.83 -19.75
CA ASP A 844 -3.03 23.06 -18.99
C ASP A 844 -4.23 22.92 -18.06
N TYR A 845 -4.13 21.95 -17.19
CA TYR A 845 -5.24 21.51 -16.36
C TYR A 845 -5.65 22.60 -15.37
N GLU A 846 -6.93 22.62 -15.04
CA GLU A 846 -7.51 23.71 -14.27
C GLU A 846 -7.24 23.58 -12.78
N ASP A 847 -7.41 22.39 -12.22
CA ASP A 847 -7.34 22.19 -10.77
C ASP A 847 -5.92 21.88 -10.28
N LYS A 848 -5.18 22.94 -9.98
CA LYS A 848 -3.83 22.83 -9.46
C LYS A 848 -3.77 22.29 -8.04
N VAL A 849 -4.86 22.39 -7.29
CA VAL A 849 -4.89 21.85 -5.92
C VAL A 849 -5.14 20.35 -5.96
N ARG A 850 -6.12 19.90 -6.71
CA ARG A 850 -6.44 18.47 -6.75
C ARG A 850 -5.63 17.67 -7.77
N GLY A 851 -4.87 18.35 -8.63
CA GLY A 851 -3.93 17.68 -9.53
C GLY A 851 -4.48 17.34 -10.90
N PRO A 852 -3.61 16.82 -11.80
CA PRO A 852 -3.92 16.67 -13.24
C PRO A 852 -4.89 15.54 -13.63
N LEU A 853 -5.15 14.60 -12.73
CA LEU A 853 -5.90 13.37 -13.06
C LEU A 853 -7.35 13.36 -12.56
N ASN A 854 -7.64 14.20 -11.55
CA ASN A 854 -8.89 14.15 -10.81
C ASN A 854 -10.15 14.19 -11.65
N GLU A 855 -10.18 15.10 -12.61
CA GLU A 855 -11.39 15.36 -13.37
C GLU A 855 -11.22 14.96 -14.82
N GLY A 856 -12.32 14.57 -15.47
CA GLY A 856 -12.32 14.19 -16.91
C GLY A 856 -13.13 15.20 -17.72
N GLY A 857 -13.70 14.78 -18.84
CA GLY A 857 -14.23 15.71 -19.87
C GLY A 857 -15.72 16.01 -19.94
N LEU A 858 -16.51 15.52 -18.96
CA LEU A 858 -17.94 15.82 -18.91
C LEU A 858 -18.18 17.31 -18.70
N TYR A 859 -19.26 17.82 -19.29
CA TYR A 859 -19.67 19.22 -19.16
C TYR A 859 -19.58 19.77 -17.73
N ALA A 860 -20.20 19.07 -16.80
CA ALA A 860 -20.22 19.45 -15.39
C ALA A 860 -18.83 19.53 -14.77
N GLU A 861 -17.97 18.57 -15.14
CA GLU A 861 -16.57 18.58 -14.74
C GLU A 861 -15.78 19.75 -15.39
N ARG A 862 -16.00 19.97 -16.69
CA ARG A 862 -15.35 21.10 -17.42
C ARG A 862 -15.66 22.43 -16.75
N GLN A 863 -16.91 22.57 -16.32
CA GLN A 863 -17.36 23.77 -15.63
C GLN A 863 -16.96 23.85 -14.16
N GLY A 864 -16.45 22.76 -13.59
CA GLY A 864 -16.06 22.78 -12.17
C GLY A 864 -17.19 22.61 -11.16
N PHE A 865 -18.35 22.13 -11.59
CA PHE A 865 -19.55 21.94 -10.73
C PHE A 865 -19.42 20.82 -9.67
N HIS A 866 -18.37 20.01 -9.78
CA HIS A 866 -18.09 18.91 -8.85
C HIS A 866 -17.42 19.38 -7.57
N GLN A 867 -17.09 20.66 -7.51
CA GLN A 867 -16.47 21.27 -6.36
C GLN A 867 -17.53 21.81 -5.43
N PRO A 868 -17.15 22.07 -4.16
CA PRO A 868 -18.04 22.69 -3.18
C PRO A 868 -18.78 23.94 -3.66
N GLU A 869 -20.05 24.05 -3.27
CA GLU A 869 -20.91 25.20 -3.59
C GLU A 869 -21.05 25.45 -5.10
N PRO A 870 -21.57 24.46 -5.85
CA PRO A 870 -21.84 24.69 -7.27
C PRO A 870 -23.06 25.61 -7.45
N PRO A 871 -23.27 26.16 -8.65
CA PRO A 871 -24.40 27.04 -8.89
C PRO A 871 -25.68 26.24 -9.24
N SER A 872 -26.17 25.50 -8.27
CA SER A 872 -27.26 24.53 -8.46
C SER A 872 -28.61 25.08 -8.05
N GLN A 873 -28.64 26.36 -7.66
CA GLN A 873 -29.82 26.95 -7.03
C GLN A 873 -31.02 27.01 -7.98
N ASN A 874 -30.76 27.09 -9.28
CA ASN A 874 -31.81 27.00 -10.29
C ASN A 874 -31.83 25.66 -11.06
N TRP A 875 -31.25 24.60 -10.48
CA TRP A 875 -31.33 23.28 -11.11
C TRP A 875 -32.62 22.58 -10.69
N LYS A 876 -32.90 21.47 -11.35
CA LYS A 876 -34.08 20.66 -11.06
C LYS A 876 -33.88 19.74 -9.84
N SER A 877 -34.96 19.52 -9.07
CA SER A 877 -34.95 18.64 -7.90
C SER A 877 -35.09 17.18 -8.30
N SER A 878 -33.98 16.46 -8.31
CA SER A 878 -33.99 15.06 -8.69
C SER A 878 -32.82 14.36 -8.04
N SER A 879 -33.04 13.12 -7.64
CA SER A 879 -32.08 12.30 -6.94
C SER A 879 -31.47 11.23 -7.87
N PRO A 880 -30.20 10.84 -7.64
CA PRO A 880 -29.70 9.69 -8.39
C PRO A 880 -30.51 8.39 -8.15
N LEU A 881 -31.24 8.32 -7.03
CA LEU A 881 -32.16 7.21 -6.76
C LEU A 881 -33.35 7.20 -7.73
N GLU A 882 -33.76 8.36 -8.24
CA GLU A 882 -34.76 8.44 -9.31
C GLU A 882 -34.09 8.19 -10.67
N GLY A 883 -32.98 8.84 -10.92
CA GLY A 883 -32.16 8.52 -12.07
C GLY A 883 -32.73 8.93 -13.41
N LEU A 884 -32.36 8.19 -14.44
CA LEU A 884 -32.67 8.56 -15.83
C LEU A 884 -33.64 7.55 -16.43
N SER A 885 -34.45 8.02 -17.38
CA SER A 885 -35.38 7.16 -18.12
C SER A 885 -34.95 6.93 -19.60
N GLU A 886 -33.79 7.48 -19.97
CA GLU A 886 -33.22 7.29 -21.31
C GLU A 886 -31.69 7.26 -21.19
N ALA A 887 -31.02 6.71 -22.20
CA ALA A 887 -29.56 6.74 -22.23
C ALA A 887 -29.08 8.18 -22.05
N GLY A 888 -28.15 8.38 -21.14
CA GLY A 888 -27.53 9.68 -21.01
C GLY A 888 -26.59 9.75 -19.83
N ILE A 889 -26.23 10.97 -19.46
CA ILE A 889 -25.39 11.20 -18.29
C ILE A 889 -25.93 12.38 -17.50
N GLY A 890 -26.22 12.13 -16.23
CA GLY A 890 -26.74 13.13 -15.32
C GLY A 890 -25.76 13.47 -14.22
N PHE A 891 -25.90 14.67 -13.66
CA PHE A 891 -25.00 15.16 -12.63
C PHE A 891 -25.84 15.60 -11.45
N TYR A 892 -25.53 15.06 -10.27
CA TYR A 892 -26.35 15.30 -9.09
C TYR A 892 -25.52 15.94 -7.99
N SER A 893 -26.06 16.97 -7.34
CA SER A 893 -25.34 17.66 -6.27
C SER A 893 -26.14 17.86 -5.00
N ALA A 894 -25.49 17.59 -3.87
CA ALA A 894 -26.03 17.92 -2.55
C ALA A 894 -24.94 18.00 -1.49
N SER A 895 -25.28 18.69 -0.42
CA SER A 895 -24.40 18.82 0.74
C SER A 895 -25.03 18.15 1.92
N PHE A 896 -24.18 17.83 2.90
CA PHE A 896 -24.64 17.29 4.15
C PHE A 896 -23.70 17.72 5.25
N ASP A 897 -24.23 17.85 6.46
CA ASP A 897 -23.43 18.23 7.62
C ASP A 897 -23.06 16.99 8.43
N LEU A 898 -21.84 17.00 8.96
CA LEU A 898 -21.41 16.03 9.95
C LEU A 898 -21.07 16.79 11.21
N ASP A 899 -21.26 16.15 12.36
CA ASP A 899 -20.84 16.71 13.65
C ASP A 899 -20.31 15.58 14.51
N LEU A 900 -19.29 14.88 14.04
CA LEU A 900 -18.75 13.74 14.77
C LEU A 900 -17.87 14.20 15.93
N PRO A 901 -17.79 13.40 17.00
CA PRO A 901 -17.14 13.86 18.23
C PRO A 901 -15.61 13.90 18.14
N LYS A 902 -14.99 14.86 18.82
CA LYS A 902 -13.53 14.97 18.83
C LYS A 902 -12.91 13.83 19.60
N GLY A 903 -11.70 13.43 19.20
CA GLY A 903 -10.99 12.35 19.87
C GLY A 903 -11.41 10.95 19.47
N TRP A 904 -12.15 10.84 18.36
CA TRP A 904 -12.56 9.54 17.82
C TRP A 904 -12.14 9.40 16.35
N ASP A 905 -11.66 8.22 15.99
CA ASP A 905 -11.31 7.87 14.63
C ASP A 905 -12.44 6.97 14.14
N VAL A 906 -13.23 7.48 13.19
CA VAL A 906 -14.44 6.82 12.75
C VAL A 906 -14.38 6.61 11.24
N PRO A 907 -14.10 5.37 10.79
CA PRO A 907 -14.02 5.17 9.34
C PRO A 907 -15.38 5.28 8.68
N LEU A 908 -15.49 6.08 7.62
CA LEU A 908 -16.75 6.28 6.93
C LEU A 908 -16.67 5.74 5.52
N PHE A 909 -17.78 5.13 5.08
CA PHE A 909 -17.87 4.51 3.77
C PHE A 909 -19.07 5.00 2.98
N LEU A 910 -18.88 5.24 1.69
CA LEU A 910 -20.01 5.37 0.76
C LEU A 910 -20.39 4.02 0.19
N ASN A 911 -21.69 3.72 0.18
CA ASN A 911 -22.19 2.42 -0.27
C ASN A 911 -23.16 2.61 -1.42
N ILE A 912 -22.97 1.86 -2.49
CA ILE A 912 -23.86 1.88 -3.65
C ILE A 912 -24.44 0.47 -3.78
N GLY A 913 -25.75 0.37 -3.70
CA GLY A 913 -26.36 -0.96 -3.59
C GLY A 913 -26.29 -1.79 -4.86
N ASN A 914 -26.18 -3.11 -4.68
CA ASN A 914 -26.19 -4.03 -5.80
C ASN A 914 -26.78 -5.37 -5.38
N SER A 915 -27.95 -5.32 -4.76
CA SER A 915 -28.57 -6.53 -4.21
C SER A 915 -29.11 -7.44 -5.30
N THR A 916 -29.36 -6.90 -6.48
CA THR A 916 -29.89 -7.68 -7.60
C THR A 916 -29.18 -7.27 -8.88
N THR A 917 -29.19 -8.16 -9.87
CA THR A 917 -28.55 -7.90 -11.16
C THR A 917 -29.06 -6.57 -11.74
N PRO A 918 -28.15 -5.61 -11.96
CA PRO A 918 -28.60 -4.27 -12.38
C PRO A 918 -28.54 -4.09 -13.89
N SER A 919 -29.12 -3.00 -14.38
CA SER A 919 -28.87 -2.54 -15.74
C SER A 919 -27.49 -1.89 -15.76
N PRO A 920 -26.86 -1.80 -16.93
CA PRO A 920 -25.52 -1.22 -17.03
C PRO A 920 -25.44 0.29 -16.82
N TYR A 921 -24.82 0.71 -15.71
CA TYR A 921 -24.52 2.11 -15.48
C TYR A 921 -23.13 2.33 -14.87
N ARG A 922 -22.62 3.56 -15.05
CA ARG A 922 -21.34 3.97 -14.51
C ARG A 922 -21.47 5.21 -13.63
N VAL A 923 -20.79 5.20 -12.51
CA VAL A 923 -20.91 6.24 -11.52
C VAL A 923 -19.54 6.73 -11.08
N GLN A 924 -19.42 8.05 -10.95
CA GLN A 924 -18.27 8.68 -10.34
C GLN A 924 -18.83 9.51 -9.19
N VAL A 925 -18.15 9.47 -8.04
CA VAL A 925 -18.52 10.33 -6.90
C VAL A 925 -17.34 11.22 -6.48
N TYR A 926 -17.55 12.53 -6.47
CA TYR A 926 -16.60 13.50 -5.96
C TYR A 926 -17.05 13.96 -4.58
N VAL A 927 -16.16 13.83 -3.60
CA VAL A 927 -16.40 14.29 -2.22
C VAL A 927 -15.57 15.56 -2.02
N ASN A 928 -16.25 16.70 -1.86
CA ASN A 928 -15.62 18.01 -1.79
C ASN A 928 -14.62 18.30 -2.91
N GLY A 929 -14.96 17.83 -4.12
CA GLY A 929 -14.14 18.01 -5.30
C GLY A 929 -13.21 16.86 -5.66
N TYR A 930 -12.94 15.98 -4.68
CA TYR A 930 -12.04 14.85 -4.85
C TYR A 930 -12.77 13.58 -5.25
N GLN A 931 -12.40 13.02 -6.39
CA GLN A 931 -13.07 11.80 -6.86
C GLN A 931 -12.59 10.62 -6.04
N TYR A 932 -13.53 9.96 -5.32
CA TYR A 932 -13.19 8.84 -4.42
C TYR A 932 -14.03 7.58 -4.65
N ALA A 933 -14.63 7.48 -5.83
CA ALA A 933 -15.36 6.31 -6.24
C ALA A 933 -15.57 6.30 -7.74
N LYS A 934 -15.17 5.20 -8.38
CA LYS A 934 -15.56 4.84 -9.72
C LYS A 934 -16.26 3.47 -9.64
N TYR A 935 -17.47 3.41 -10.20
CA TYR A 935 -18.38 2.26 -10.02
C TYR A 935 -18.91 1.81 -11.38
N ILE A 936 -18.77 0.54 -11.68
CA ILE A 936 -19.39 -0.05 -12.85
C ILE A 936 -20.38 -1.11 -12.39
N SER A 937 -21.68 -0.82 -12.57
CA SER A 937 -22.73 -1.71 -12.05
C SER A 937 -22.56 -3.14 -12.54
N ASN A 938 -22.24 -3.33 -13.81
CA ASN A 938 -22.21 -4.68 -14.41
C ASN A 938 -20.90 -5.44 -14.28
N ILE A 939 -19.87 -4.84 -13.66
CA ILE A 939 -18.55 -5.48 -13.58
C ILE A 939 -18.01 -5.62 -12.16
N GLY A 940 -18.16 -4.59 -11.32
CA GLY A 940 -17.79 -4.69 -9.91
C GLY A 940 -16.30 -4.85 -9.67
N PRO A 941 -15.90 -5.32 -8.47
CA PRO A 941 -16.69 -5.77 -7.33
C PRO A 941 -16.99 -4.72 -6.26
N GLN A 942 -16.48 -3.49 -6.38
CA GLN A 942 -16.56 -2.57 -5.25
C GLN A 942 -17.95 -1.93 -5.13
N THR A 943 -18.56 -2.10 -3.96
CA THR A 943 -19.80 -1.42 -3.59
C THR A 943 -19.64 -0.52 -2.36
N SER A 944 -18.54 -0.70 -1.62
CA SER A 944 -18.24 0.07 -0.41
C SER A 944 -16.94 0.89 -0.57
N PHE A 945 -17.05 2.21 -0.50
CA PHE A 945 -15.93 3.14 -0.83
C PHE A 945 -15.53 3.99 0.37
N PRO A 946 -14.40 3.67 1.00
CA PRO A 946 -13.99 4.50 2.13
C PRO A 946 -13.50 5.89 1.72
N VAL A 947 -13.79 6.88 2.55
CA VAL A 947 -13.41 8.23 2.30
C VAL A 947 -12.87 8.77 3.61
N PRO A 948 -11.62 9.24 3.58
CA PRO A 948 -10.94 9.56 4.82
C PRO A 948 -11.29 10.93 5.37
N GLU A 949 -11.19 11.08 6.69
CA GLU A 949 -11.25 12.38 7.32
C GLU A 949 -10.15 13.24 6.71
N GLY A 950 -10.41 14.55 6.58
CA GLY A 950 -9.51 15.46 5.88
C GLY A 950 -10.02 15.77 4.48
N ILE A 951 -10.43 14.72 3.77
CA ILE A 951 -11.24 14.84 2.56
C ILE A 951 -12.68 15.13 2.98
N LEU A 952 -13.16 14.39 3.99
CA LEU A 952 -14.43 14.67 4.62
C LEU A 952 -14.19 15.61 5.82
N ASN A 953 -15.10 16.55 6.04
CA ASN A 953 -15.03 17.46 7.17
C ASN A 953 -15.97 16.93 8.25
N TYR A 954 -15.41 16.45 9.35
CA TYR A 954 -16.20 15.75 10.38
C TYR A 954 -17.02 16.73 11.22
N ARG A 955 -16.58 17.98 11.27
CA ARG A 955 -17.34 19.03 11.96
C ARG A 955 -17.63 20.21 11.04
N GLY A 956 -18.27 19.94 9.92
CA GLY A 956 -18.61 20.96 8.93
C GLY A 956 -19.50 20.46 7.79
N THR A 957 -19.50 21.21 6.69
CA THR A 957 -20.35 20.92 5.55
C THR A 957 -19.56 20.10 4.51
N ASN A 958 -20.23 19.17 3.85
CA ASN A 958 -19.59 18.33 2.85
C ASN A 958 -20.40 18.28 1.57
N TRP A 959 -19.71 18.13 0.44
CA TRP A 959 -20.37 18.20 -0.86
C TRP A 959 -20.17 16.92 -1.65
N LEU A 960 -21.28 16.32 -2.09
CA LEU A 960 -21.24 15.16 -2.98
C LEU A 960 -21.63 15.57 -4.39
N ALA A 961 -20.87 15.11 -5.37
CA ALA A 961 -21.18 15.33 -6.77
C ALA A 961 -21.17 13.96 -7.41
N VAL A 962 -22.31 13.52 -7.92
CA VAL A 962 -22.45 12.18 -8.46
C VAL A 962 -22.74 12.30 -9.95
N THR A 963 -21.99 11.57 -10.77
CA THR A 963 -22.31 11.45 -12.19
C THR A 963 -22.90 10.06 -12.43
N LEU A 964 -23.95 9.99 -13.22
CA LEU A 964 -24.63 8.76 -13.49
C LEU A 964 -24.80 8.61 -14.99
N TRP A 965 -24.01 7.72 -15.57
CA TRP A 965 -24.05 7.42 -17.00
C TRP A 965 -24.81 6.11 -17.22
N ALA A 966 -25.93 6.18 -17.93
CA ALA A 966 -26.75 5.01 -18.18
C ALA A 966 -26.46 4.50 -19.58
N LEU A 967 -25.84 3.32 -19.67
CA LEU A 967 -25.45 2.74 -20.95
C LEU A 967 -26.54 1.78 -21.47
N ASP A 968 -27.77 2.25 -21.42
CA ASP A 968 -28.95 1.46 -21.73
C ASP A 968 -30.06 2.43 -22.16
N SER A 969 -30.79 2.07 -23.22
CA SER A 969 -31.80 2.98 -23.78
C SER A 969 -32.99 3.26 -22.85
N ALA A 970 -33.20 2.44 -21.82
CA ALA A 970 -34.23 2.69 -20.82
C ALA A 970 -33.71 3.48 -19.61
N GLY A 971 -32.47 3.96 -19.69
CA GLY A 971 -31.90 4.77 -18.62
C GLY A 971 -31.31 3.93 -17.50
N GLY A 972 -31.40 4.44 -16.29
CA GLY A 972 -30.83 3.76 -15.12
C GLY A 972 -30.92 4.60 -13.85
N LYS A 973 -30.75 3.94 -12.71
CA LYS A 973 -30.81 4.58 -11.40
C LYS A 973 -30.02 3.79 -10.36
N LEU A 974 -29.58 4.48 -9.31
CA LEU A 974 -28.98 3.80 -8.17
C LEU A 974 -30.07 3.07 -7.37
N GLU A 975 -29.77 1.86 -6.94
CA GLU A 975 -30.67 1.08 -6.11
C GLU A 975 -30.70 1.68 -4.71
N SER A 976 -29.55 2.06 -4.21
CA SER A 976 -29.45 2.76 -2.93
C SER A 976 -28.10 3.46 -2.85
N LEU A 977 -27.98 4.37 -1.89
CA LEU A 977 -26.81 5.21 -1.72
C LEU A 977 -26.78 5.64 -0.26
N GLU A 978 -25.76 5.18 0.46
CA GLU A 978 -25.73 5.27 1.92
C GLU A 978 -24.33 5.57 2.46
N LEU A 979 -24.29 6.40 3.49
CA LEU A 979 -23.08 6.64 4.27
C LEU A 979 -23.14 5.70 5.48
N SER A 980 -22.08 4.94 5.73
CA SER A 980 -22.01 4.02 6.89
C SER A 980 -20.69 4.20 7.65
N TYR A 981 -20.61 3.60 8.83
CA TYR A 981 -19.37 3.63 9.62
C TYR A 981 -19.05 2.26 10.18
N THR A 982 -17.78 2.03 10.50
CA THR A 982 -17.35 0.83 11.25
C THR A 982 -16.86 1.26 12.63
N THR A 983 -16.45 0.28 13.45
CA THR A 983 -16.13 0.51 14.86
C THR A 983 -15.39 1.82 15.12
N PRO A 984 -16.03 2.74 15.87
CA PRO A 984 -15.29 3.93 16.28
C PRO A 984 -14.14 3.58 17.21
N VAL A 985 -13.00 4.26 17.01
CA VAL A 985 -11.81 4.05 17.82
C VAL A 985 -11.52 5.28 18.66
N LEU A 986 -11.33 5.06 19.96
CA LEU A 986 -10.92 6.12 20.88
C LEU A 986 -9.44 6.33 20.59
N THR A 987 -9.10 7.51 20.08
CA THR A 987 -7.79 7.71 19.45
C THR A 987 -6.94 8.78 20.12
N ALA A 988 -5.64 8.60 19.98
CA ALA A 988 -4.64 9.58 20.37
C ALA A 988 -4.32 10.56 19.24
N LEU A 989 -4.76 10.29 18.02
CA LEU A 989 -4.41 11.15 16.88
C LEU A 989 -4.79 12.60 17.13
N GLY A 990 -3.97 13.51 16.63
CA GLY A 990 -4.27 14.93 16.69
C GLY A 990 -5.38 15.26 15.71
N GLU A 991 -5.99 16.43 15.91
CA GLU A 991 -6.96 17.00 14.98
C GLU A 991 -6.56 16.79 13.51
N VAL A 992 -7.44 16.20 12.72
CA VAL A 992 -7.21 16.05 11.29
C VAL A 992 -7.68 17.31 10.57
N GLU A 993 -6.73 18.09 10.07
CA GLU A 993 -6.99 19.30 9.29
C GLU A 993 -7.60 18.94 7.93
N SER A 994 -8.64 19.67 7.54
CA SER A 994 -9.21 19.50 6.22
C SER A 994 -8.21 19.92 5.15
N VAL A 995 -8.02 19.11 4.13
CA VAL A 995 -7.27 19.56 2.97
C VAL A 995 -8.00 20.69 2.23
N ASP A 996 -7.23 21.40 1.42
CA ASP A 996 -7.76 22.44 0.57
C ASP A 996 -8.90 21.89 -0.32
N GLN A 997 -10.04 22.57 -0.26
CA GLN A 997 -11.23 22.18 -1.00
C GLN A 997 -11.74 23.38 -1.78
N PRO A 998 -11.02 23.76 -2.86
CA PRO A 998 -11.42 24.93 -3.62
C PRO A 998 -12.87 24.83 -4.08
N LYS A 999 -13.62 25.90 -3.88
CA LYS A 999 -15.03 25.91 -4.19
C LYS A 999 -15.26 26.27 -5.66
N TYR A 1000 -16.47 26.01 -6.14
CA TYR A 1000 -16.78 26.32 -7.54
C TYR A 1000 -16.51 27.78 -7.86
N LYS A 1001 -15.92 28.01 -9.02
CA LYS A 1001 -15.76 29.33 -9.55
C LYS A 1001 -15.86 29.19 -11.06
N LYS A 1002 -16.54 30.13 -11.70
CA LYS A 1002 -16.74 30.08 -13.15
C LYS A 1002 -15.37 30.08 -13.86
N ARG A 1003 -15.26 29.25 -14.89
CA ARG A 1003 -13.99 29.05 -15.58
C ARG A 1003 -14.01 29.69 -16.95
N LYS A 1004 -13.05 30.58 -17.18
CA LYS A 1004 -13.02 31.38 -18.40
C LYS A 1004 -12.85 30.54 -19.66
N GLY A 1005 -12.04 29.49 -19.57
CA GLY A 1005 -11.67 28.70 -20.73
C GLY A 1005 -12.67 27.64 -21.15
N ALA A 1006 -13.82 27.59 -20.50
CA ALA A 1006 -14.83 26.58 -20.81
C ALA A 1006 -15.42 26.81 -22.19
N TYR A 1007 -16.22 25.86 -22.65
CA TYR A 1007 -16.71 25.88 -24.02
C TYR A 1007 -18.11 26.51 -24.19
N HIS A 1008 -18.73 26.98 -23.10
CA HIS A 1008 -20.17 27.29 -23.09
C HIS A 1008 -20.57 28.59 -23.78
C1 NAG B . -11.14 -2.55 8.33
C2 NAG B . -12.64 -2.46 8.65
C3 NAG B . -13.45 -3.31 7.69
C4 NAG B . -13.12 -2.92 6.26
C5 NAG B . -11.62 -2.89 6.03
C6 NAG B . -11.36 -2.26 4.67
C7 NAG B . -13.25 -1.99 10.98
C8 NAG B . -13.61 -2.57 12.31
N2 NAG B . -13.01 -2.86 9.99
O3 NAG B . -14.81 -3.07 7.95
O4 NAG B . -13.63 -3.90 5.39
O5 NAG B . -10.99 -2.10 7.00
O6 NAG B . -11.62 -0.88 4.77
O7 NAG B . -13.20 -0.77 10.85
C1 NAG B . -14.74 -3.41 4.63
C2 NAG B . -14.98 -4.42 3.51
C3 NAG B . -16.29 -4.20 2.79
C4 NAG B . -17.42 -4.00 3.80
C5 NAG B . -17.03 -2.85 4.72
C6 NAG B . -18.14 -2.46 5.70
C7 NAG B . -12.92 -5.25 2.50
C8 NAG B . -11.86 -5.00 1.46
N2 NAG B . -13.90 -4.35 2.58
O3 NAG B . -16.53 -5.31 1.96
O4 NAG B . -18.58 -3.67 3.08
O5 NAG B . -15.88 -3.23 5.43
O6 NAG B . -18.60 -3.59 6.41
O7 NAG B . -12.84 -6.22 3.24
C1 BMA B . -19.69 -4.55 3.31
C2 BMA B . -20.94 -3.84 2.79
C3 BMA B . -22.21 -4.61 3.14
C4 BMA B . -22.06 -6.00 2.64
C5 BMA B . -20.78 -6.68 3.07
C6 BMA B . -20.77 -7.90 2.20
O2 BMA B . -20.82 -3.66 1.39
O3 BMA B . -23.34 -4.17 2.47
O4 BMA B . -23.12 -6.78 3.10
O5 BMA B . -19.62 -5.89 2.90
O6 BMA B . -19.80 -8.74 2.70
C1 MAN B . -24.32 -3.55 3.23
C2 MAN B . -25.63 -3.44 2.53
C3 MAN B . -25.54 -2.07 1.98
C4 MAN B . -25.43 -1.08 3.13
C5 MAN B . -24.15 -1.36 3.88
C6 MAN B . -23.87 -0.47 5.06
O2 MAN B . -26.68 -3.46 3.45
O3 MAN B . -26.70 -1.92 1.25
O4 MAN B . -25.32 0.24 2.68
O5 MAN B . -24.10 -2.69 4.28
O6 MAN B . -24.71 -0.84 6.15
C1 MAN B . -27.43 -4.61 3.62
C2 MAN B . -28.69 -4.12 4.30
C3 MAN B . -28.62 -4.23 5.80
C4 MAN B . -28.45 -5.65 6.12
C5 MAN B . -27.20 -6.20 5.46
C6 MAN B . -27.36 -7.60 4.91
O2 MAN B . -29.77 -4.89 3.90
O3 MAN B . -29.82 -3.78 6.34
O4 MAN B . -28.32 -5.80 7.52
O5 MAN B . -26.65 -5.40 4.45
O6 MAN B . -28.27 -7.67 3.81
C1 MAN B . -30.27 -4.51 2.62
C2 MAN B . -31.75 -4.76 2.65
C3 MAN B . -31.98 -6.28 2.65
C4 MAN B . -31.46 -6.78 1.33
C5 MAN B . -29.97 -6.52 1.35
C6 MAN B . -29.31 -7.01 0.08
O2 MAN B . -32.33 -4.13 1.51
O3 MAN B . -33.36 -6.57 2.99
O4 MAN B . -31.66 -8.17 1.10
O5 MAN B . -29.75 -5.16 1.46
O6 MAN B . -28.80 -8.33 0.25
C1 MAN B . -20.23 -9.68 3.70
C2 MAN B . -19.04 -10.06 4.55
C3 MAN B . -18.30 -11.21 3.92
C4 MAN B . -19.27 -12.37 3.71
C5 MAN B . -20.34 -11.91 2.76
C6 MAN B . -21.32 -13.02 2.37
O2 MAN B . -19.50 -10.44 5.85
O3 MAN B . -17.25 -11.50 4.81
O4 MAN B . -18.67 -13.52 3.14
O5 MAN B . -21.03 -10.85 3.39
O6 MAN B . -20.72 -14.15 1.72
C1 MAN B . -16.00 -11.08 4.25
C2 MAN B . -14.93 -12.01 4.87
C3 MAN B . -14.32 -11.43 6.14
C4 MAN B . -13.96 -9.98 5.97
C5 MAN B . -15.16 -9.17 5.51
C6 MAN B . -14.87 -7.69 5.39
O2 MAN B . -13.90 -12.36 3.97
O3 MAN B . -13.16 -12.17 6.53
O4 MAN B . -13.59 -9.62 7.28
O5 MAN B . -15.67 -9.69 4.26
O6 MAN B . -15.49 -6.95 6.45
C1 NAG C . -10.73 -4.68 18.08
C2 NAG C . -11.66 -5.45 17.16
C3 NAG C . -11.31 -6.94 17.16
C4 NAG C . -9.85 -7.10 16.78
C5 NAG C . -8.97 -6.19 17.64
C6 NAG C . -7.51 -6.28 17.22
C7 NAG C . -14.02 -4.71 16.73
C8 NAG C . -15.43 -4.72 17.28
N2 NAG C . -13.08 -5.31 17.51
O3 NAG C . -12.08 -7.65 16.20
O4 NAG C . -9.52 -8.43 17.06
O5 NAG C . -9.40 -4.84 17.60
O6 NAG C . -6.76 -5.57 18.16
O7 NAG C . -13.81 -4.15 15.63
C1 NAG C . -9.13 -9.19 15.90
C2 NAG C . -8.36 -10.43 16.39
C3 NAG C . -8.07 -11.38 15.25
C4 NAG C . -9.34 -11.68 14.46
C5 NAG C . -9.99 -10.38 14.03
C6 NAG C . -11.30 -10.61 13.32
C7 NAG C . -6.89 -9.95 18.31
C8 NAG C . -5.56 -9.46 18.76
N2 NAG C . -7.12 -10.00 16.99
O3 NAG C . -7.53 -12.55 15.77
O4 NAG C . -9.02 -12.44 13.30
O5 NAG C . -10.26 -9.57 15.13
O6 NAG C . -11.77 -9.35 12.90
O7 NAG C . -7.70 -10.30 19.15
C1 BMA C . -9.90 -13.58 13.15
C2 BMA C . -9.59 -14.27 11.83
C3 BMA C . -10.37 -15.60 11.69
C4 BMA C . -10.24 -16.41 12.99
C5 BMA C . -10.64 -15.56 14.20
C6 BMA C . -10.56 -16.32 15.53
O2 BMA C . -8.19 -14.53 11.81
O3 BMA C . -9.83 -16.37 10.60
O4 BMA C . -11.09 -17.55 12.96
O5 BMA C . -9.73 -14.48 14.24
O6 BMA C . -9.47 -17.25 15.54
C1 MAN C . -10.61 -16.25 9.41
C2 MAN C . -10.18 -17.27 8.37
C3 MAN C . -8.75 -17.04 7.95
C4 MAN C . -8.63 -15.65 7.34
C5 MAN C . -9.30 -14.57 8.21
C6 MAN C . -9.61 -13.33 7.38
O2 MAN C . -10.95 -17.07 7.20
O3 MAN C . -8.39 -17.97 6.98
O4 MAN C . -7.26 -15.38 7.08
O5 MAN C . -10.53 -14.96 8.83
O6 MAN C . -10.06 -12.29 8.23
C1 MAN C . -12.03 -18.02 7.03
C2 MAN C . -12.60 -17.90 5.60
C3 MAN C . -13.20 -16.51 5.43
C4 MAN C . -14.18 -16.15 6.55
C5 MAN C . -13.73 -16.59 7.95
C6 MAN C . -14.91 -16.62 8.92
O2 MAN C . -13.60 -18.86 5.34
O3 MAN C . -13.88 -16.39 4.18
O4 MAN C . -14.36 -14.74 6.58
O5 MAN C . -13.09 -17.86 7.95
O6 MAN C . -14.51 -16.15 10.19
C1 MAN C . -13.16 -20.17 4.92
C2 MAN C . -14.42 -20.94 4.49
C3 MAN C . -15.29 -21.31 5.71
C4 MAN C . -14.46 -21.98 6.82
C5 MAN C . -13.21 -21.14 7.12
C6 MAN C . -12.31 -21.79 8.18
O2 MAN C . -14.09 -22.09 3.72
O3 MAN C . -16.39 -22.09 5.32
O4 MAN C . -15.23 -22.07 8.01
O5 MAN C . -12.46 -20.91 5.92
O6 MAN C . -12.27 -20.99 9.35
C1 MAN C . -8.29 -16.70 16.13
C2 MAN C . -7.10 -17.51 15.66
C3 MAN C . -7.19 -18.94 16.16
C4 MAN C . -7.37 -18.91 17.68
C5 MAN C . -8.57 -18.04 18.02
C6 MAN C . -8.79 -17.94 19.52
O2 MAN C . -5.92 -16.93 16.15
O3 MAN C . -6.00 -19.61 15.82
O4 MAN C . -7.60 -20.22 18.11
O5 MAN C . -8.37 -16.74 17.53
O6 MAN C . -10.16 -17.62 19.67
C1 MAN C . -10.54 -17.79 21.03
C2 MAN C . -12.07 -17.74 21.18
C3 MAN C . -12.55 -16.34 20.85
C4 MAN C . -11.91 -15.40 21.87
C5 MAN C . -10.38 -15.49 21.73
C6 MAN C . -9.66 -14.67 22.78
O2 MAN C . -12.35 -17.96 22.54
O3 MAN C . -13.95 -16.27 20.96
O4 MAN C . -12.34 -14.09 21.62
O5 MAN C . -9.92 -16.83 21.85
O6 MAN C . -8.34 -14.55 22.30
C1 MAN C . -12.71 -19.31 22.87
C2 MAN C . -13.43 -19.26 24.22
C3 MAN C . -12.42 -18.93 25.34
C4 MAN C . -11.24 -19.89 25.28
C5 MAN C . -10.63 -19.85 23.87
C6 MAN C . -9.46 -20.81 23.72
O2 MAN C . -14.07 -20.49 24.43
O3 MAN C . -12.99 -18.94 26.64
O4 MAN C . -10.31 -19.51 26.27
O5 MAN C . -11.59 -20.17 22.89
O6 MAN C . -8.37 -20.16 23.09
C1 MAN C . -6.24 -20.80 15.01
C2 MAN C . -4.94 -21.58 14.99
C3 MAN C . -3.89 -20.81 14.20
C4 MAN C . -4.41 -20.56 12.78
C5 MAN C . -5.72 -19.77 12.92
C6 MAN C . -6.29 -19.33 11.57
O2 MAN C . -5.24 -22.82 14.39
O3 MAN C . -2.64 -21.45 14.23
O4 MAN C . -3.50 -19.83 12.01
O5 MAN C . -6.65 -20.54 13.67
O6 MAN C . -7.51 -19.98 11.32
C1 NAG D . -23.70 -6.58 -9.16
C2 NAG D . -22.19 -6.50 -9.46
C3 NAG D . -21.82 -7.18 -10.77
C4 NAG D . -22.47 -8.56 -10.82
C5 NAG D . -23.96 -8.44 -10.45
C6 NAG D . -24.78 -9.72 -10.58
C7 NAG D . -20.88 -4.70 -8.45
C8 NAG D . -20.53 -3.24 -8.44
N2 NAG D . -21.74 -5.11 -9.37
O3 NAG D . -20.41 -7.26 -10.82
O4 NAG D . -22.39 -9.07 -12.12
O5 NAG D . -24.07 -7.94 -9.15
O6 NAG D . -24.32 -10.65 -9.63
O7 NAG D . -20.35 -5.45 -7.65
C1 NAG D . -21.40 -10.11 -12.27
C2 NAG D . -21.72 -10.90 -13.53
C3 NAG D . -20.61 -11.90 -13.84
C4 NAG D . -19.22 -11.29 -13.75
C5 NAG D . -19.09 -10.55 -12.42
C6 NAG D . -17.71 -9.92 -12.21
C7 NAG D . -24.12 -11.24 -13.97
C8 NAG D . -25.34 -12.09 -13.75
N2 NAG D . -22.98 -11.62 -13.41
O3 NAG D . -20.83 -12.40 -15.13
O4 NAG D . -18.28 -12.34 -13.82
O5 NAG D . -20.10 -9.57 -12.35
O6 NAG D . -17.36 -9.06 -13.29
O7 NAG D . -24.25 -10.24 -14.64
C1 BMA D . -17.37 -12.23 -14.94
C2 BMA D . -16.20 -13.15 -14.61
C3 BMA D . -15.13 -13.18 -15.70
C4 BMA D . -15.81 -13.49 -17.03
C5 BMA D . -17.12 -12.74 -17.32
C6 BMA D . -17.90 -13.47 -18.42
O2 BMA D . -16.73 -14.47 -14.46
O3 BMA D . -14.13 -14.17 -15.32
O4 BMA D . -14.91 -13.14 -18.09
O5 BMA D . -17.99 -12.60 -16.18
O6 BMA D . -18.60 -12.57 -19.30
C1 MAN D . -12.76 -13.84 -15.59
C2 MAN D . -11.82 -14.90 -14.98
C3 MAN D . -11.68 -14.66 -13.48
C4 MAN D . -11.20 -13.26 -13.26
C5 MAN D . -12.17 -12.28 -13.87
C6 MAN D . -11.69 -10.86 -13.64
O2 MAN D . -10.48 -14.84 -15.42
O3 MAN D . -10.72 -15.51 -12.86
O4 MAN D . -11.06 -13.01 -11.89
O5 MAN D . -12.36 -12.52 -15.25
O6 MAN D . -12.73 -10.01 -13.94
C1 MAN D . -10.11 -15.07 -16.76
C2 MAN D . -8.64 -15.36 -16.72
C3 MAN D . -7.90 -14.04 -16.54
C4 MAN D . -8.22 -13.11 -17.70
C5 MAN D . -9.68 -12.78 -17.57
C6 MAN D . -10.23 -11.96 -18.72
O2 MAN D . -8.21 -15.84 -17.98
O3 MAN D . -6.53 -14.29 -16.55
O4 MAN D . -7.41 -11.92 -17.71
O5 MAN D . -10.35 -14.01 -17.69
O6 MAN D . -9.28 -11.65 -19.73
C1 MAN D . -8.95 -17.00 -18.48
C2 MAN D . -8.00 -17.80 -19.32
C3 MAN D . -7.94 -17.08 -20.65
C4 MAN D . -9.18 -17.55 -21.40
C5 MAN D . -10.30 -16.87 -20.63
C6 MAN D . -11.65 -17.53 -20.87
O2 MAN D . -8.54 -19.13 -19.33
O3 MAN D . -6.67 -17.11 -21.26
O4 MAN D . -9.27 -17.35 -22.81
O5 MAN D . -10.20 -17.02 -19.22
O6 MAN D . -11.47 -18.92 -21.12
C1 GAL E . 6.66 -11.50 -10.72
C2 GAL E . 7.65 -11.77 -9.57
C3 GAL E . 8.04 -10.55 -8.72
C4 GAL E . 7.63 -9.22 -9.36
C5 GAL E . 6.14 -9.27 -9.72
C6 GAL E . 5.67 -7.89 -10.22
O1 GAL E . 7.43 -11.36 -11.90
O2 GAL E . 7.14 -12.75 -8.69
O3 GAL E . 9.42 -10.56 -8.41
O4 GAL E . 8.42 -8.92 -10.50
O5 GAL E . 5.81 -10.34 -10.60
O6 GAL E . 5.75 -6.56 -10.05
C1 GAL E . 5.43 -5.68 -8.98
C2 GAL E . 5.85 -4.22 -9.27
C3 GAL E . 5.11 -3.18 -8.42
C4 GAL E . 3.64 -3.54 -8.33
C5 GAL E . 3.63 -4.93 -7.70
C6 GAL E . 2.29 -5.30 -7.05
O2 GAL E . 7.23 -4.06 -9.04
O3 GAL E . 5.26 -1.85 -8.89
O4 GAL E . 3.06 -3.61 -9.63
O5 GAL E . 4.03 -5.82 -8.72
O6 GAL E . 1.52 -6.08 -7.91
C1 NAG F . 11.56 10.78 -34.76
C2 NAG F . 10.62 10.60 -35.95
C3 NAG F . 11.40 9.89 -37.07
C4 NAG F . 12.71 10.63 -37.36
C5 NAG F . 13.51 10.79 -36.06
C6 NAG F . 14.86 11.48 -36.25
C7 NAG F . 8.23 10.45 -35.27
C8 NAG F . 7.08 9.56 -34.93
N2 NAG F . 9.41 9.87 -35.59
O3 NAG F . 10.58 9.77 -38.22
O4 NAG F . 13.50 9.94 -38.32
O5 NAG F . 12.71 11.51 -35.14
O6 NAG F . 14.66 12.80 -36.68
O7 NAG F . 8.07 11.67 -35.22
C1 NAG G . 25.42 -9.51 25.59
C2 NAG G . 26.85 -9.68 25.05
C3 NAG G . 27.81 -8.80 25.84
C4 NAG G . 27.36 -7.35 25.73
C5 NAG G . 25.90 -7.24 26.18
C6 NAG G . 25.38 -5.82 25.97
C7 NAG G . 27.59 -11.75 23.95
C8 NAG G . 27.98 -13.18 24.13
N2 NAG G . 27.25 -11.08 25.05
O3 NAG G . 29.11 -8.92 25.32
O4 NAG G . 28.21 -6.51 26.49
O5 NAG G . 25.07 -8.14 25.46
O6 NAG G . 24.28 -5.60 26.84
O7 NAG G . 27.63 -11.25 22.82
C1 NAG H . -28.19 3.30 -50.65
C2 NAG H . -29.51 2.66 -50.15
C3 NAG H . -29.74 1.27 -50.72
C4 NAG H . -29.47 1.23 -52.23
C5 NAG H . -28.10 1.84 -52.54
C6 NAG H . -27.84 1.88 -54.05
C7 NAG H . -30.30 3.33 -47.89
C8 NAG H . -30.19 3.12 -46.40
N2 NAG H . -29.51 2.58 -48.69
O3 NAG H . -31.06 0.86 -50.46
O4 NAG H . -29.50 -0.12 -52.67
O5 NAG H . -28.02 3.16 -52.05
O6 NAG H . -26.48 2.24 -54.28
O7 NAG H . -31.10 4.16 -48.29
C1 NAG I . -27.89 17.97 -35.75
C2 NAG I . -28.80 18.80 -36.65
C3 NAG I . -28.15 20.12 -37.14
C4 NAG I . -27.58 20.89 -35.96
C5 NAG I . -26.54 19.98 -35.34
C6 NAG I . -25.81 20.67 -34.20
C7 NAG I . -30.54 17.63 -37.88
C8 NAG I . -30.92 16.83 -39.10
N2 NAG I . -29.27 18.01 -37.78
O3 NAG I . -29.16 20.89 -37.75
O4 NAG I . -27.04 22.13 -36.34
O5 NAG I . -27.17 18.80 -34.84
O6 NAG I . -25.01 19.72 -33.52
O7 NAG I . -31.41 17.88 -37.07
C1 NAG J . -11.54 -4.83 -33.59
C2 NAG J . -10.67 -5.86 -32.88
C3 NAG J . -9.21 -5.52 -33.15
C4 NAG J . -9.01 -5.43 -34.64
C5 NAG J . -9.92 -4.35 -35.21
C6 NAG J . -9.72 -4.18 -36.73
C7 NAG J . -11.62 -6.83 -30.84
C8 NAG J . -11.83 -6.67 -29.36
N2 NAG J . -10.95 -5.86 -31.45
O3 NAG J . -8.38 -6.53 -32.63
O4 NAG J . -7.67 -5.18 -34.97
O5 NAG J . -11.23 -4.79 -34.96
O6 NAG J . -9.67 -5.44 -37.37
O7 NAG J . -12.07 -7.83 -31.40
CL CL K . -17.80 23.39 -21.23
OH2 1PE L . 0.66 -4.51 -12.26
C12 1PE L . 1.06 -5.68 -12.94
C22 1PE L . 2.26 -6.29 -12.25
OH3 1PE L . 3.38 -6.52 -13.10
C13 1PE L . 4.21 -7.68 -15.02
C23 1PE L . 3.37 -7.77 -13.76
OH4 1PE L . 3.48 -8.12 -16.14
C14 1PE L . 3.22 -8.17 -18.55
C24 1PE L . 4.11 -7.83 -17.37
OH5 1PE L . 2.18 -7.20 -18.78
C15 1PE L . 1.76 -8.44 -20.79
C25 1PE L . 1.76 -7.07 -20.13
OH6 1PE L . 0.82 -8.51 -21.83
C16 1PE L . -1.51 -9.01 -21.70
C26 1PE L . -0.12 -9.56 -21.63
OH7 1PE L . -1.74 -8.43 -22.98
#